data_4XDY
#
_entry.id   4XDY
#
_cell.length_a   49.695
_cell.length_b   141.748
_cell.length_c   148.598
_cell.angle_alpha   90.00
_cell.angle_beta   90.00
_cell.angle_gamma   90.00
#
_symmetry.space_group_name_H-M   'P 2 21 21'
#
loop_
_entity.id
_entity.type
_entity.pdbx_description
1 polymer 'Ketol-acid reductoisomerase'
2 non-polymer 'MAGNESIUM ION'
3 non-polymer '1,4-DIHYDRONICOTINAMIDE ADENINE DINUCLEOTIDE'
4 non-polymer GLYCEROL
5 non-polymer 'N-HYDROXY-N-ISOPROPYLOXAMIC ACID'
6 water water
#
_entity_poly.entity_id   1
_entity_poly.type   'polypeptide(L)'
_entity_poly.pdbx_seq_one_letter_code
;MEILHDEDVDDSILRDKTIAVMGYGAQGDAQANCLKDSGINVVIGETEILGGNKNPSWEKAKEDGFEVLPIDKAAEKGDV
VHILLPDEVQPAIYENQIKPQLKAGKALCFSHGFNICFKRIVPPEDVDVIMVAPKAPGTEERKAYLEGFGVPGLVAVKQN
PSGEAREVALAMTKAMHWTKAGILECTFEQETYEDLFGEQCVLCGGLVELMRNGFEVLVEAGYPPEMAYFECVHEMKLIV
DLVWQGGIKRMAEVISNTAEYGMWAVGHQIIGPEVKEKMKEALKRVENGEFANEWVDEYKRGIPFLKASREKMGEHQVET
VGAEIRKLFAQKHHHHHH
;
_entity_poly.pdbx_strand_id   A,B
#
# COMPACT_ATOMS: atom_id res chain seq x y z
N MET A 1 -22.60 12.14 3.40
CA MET A 1 -22.16 13.29 4.23
C MET A 1 -21.34 14.24 3.34
N GLU A 2 -21.36 15.53 3.65
CA GLU A 2 -20.82 16.52 2.76
C GLU A 2 -19.28 16.39 2.91
N ILE A 3 -18.64 16.43 1.77
CA ILE A 3 -17.21 16.65 1.64
C ILE A 3 -16.90 18.02 1.04
N LEU A 4 -16.10 18.81 1.75
CA LEU A 4 -15.70 20.15 1.32
C LEU A 4 -14.44 20.12 0.49
N HIS A 5 -14.50 20.76 -0.67
CA HIS A 5 -13.36 20.92 -1.55
C HIS A 5 -12.99 22.42 -1.69
N ASP A 6 -12.07 22.69 -2.62
CA ASP A 6 -11.47 24.02 -2.76
C ASP A 6 -12.54 25.09 -2.94
N GLU A 7 -13.51 24.79 -3.79
CA GLU A 7 -14.57 25.76 -4.10
C GLU A 7 -15.51 25.98 -2.93
N ASP A 8 -15.46 25.14 -1.88
CA ASP A 8 -16.35 25.31 -0.76
C ASP A 8 -15.79 26.14 0.37
N VAL A 9 -14.51 26.52 0.31
CA VAL A 9 -13.81 27.11 1.47
C VAL A 9 -13.09 28.38 1.04
N ASP A 10 -13.14 29.38 1.87
CA ASP A 10 -12.44 30.63 1.61
C ASP A 10 -11.29 30.69 2.61
N ASP A 11 -10.05 30.81 2.15
CA ASP A 11 -8.90 30.94 3.07
C ASP A 11 -8.38 32.32 3.36
N SER A 12 -9.11 33.36 2.97
CA SER A 12 -8.61 34.71 3.12
C SER A 12 -8.48 35.19 4.55
N ILE A 13 -9.24 34.64 5.51
CA ILE A 13 -9.01 34.98 6.90
C ILE A 13 -7.52 34.89 7.39
N LEU A 14 -6.78 33.94 6.82
CA LEU A 14 -5.37 33.69 7.23
C LEU A 14 -4.40 34.77 6.76
N ARG A 15 -4.85 35.58 5.80
CA ARG A 15 -4.12 36.80 5.35
C ARG A 15 -3.49 37.62 6.48
N ASP A 16 -4.14 37.89 7.56
CA ASP A 16 -3.41 38.68 8.57
C ASP A 16 -3.33 37.86 9.87
N LYS A 17 -3.04 36.57 9.73
CA LYS A 17 -2.86 35.79 10.92
C LYS A 17 -1.48 35.12 10.81
N THR A 18 -0.85 35.03 11.96
CA THR A 18 0.38 34.26 12.12
C THR A 18 0.02 32.92 12.81
N ILE A 19 0.53 31.86 12.22
CA ILE A 19 0.41 30.50 12.79
C ILE A 19 1.74 30.13 13.45
N ALA A 20 1.68 29.87 14.73
CA ALA A 20 2.81 29.33 15.49
C ALA A 20 2.70 27.80 15.49
N VAL A 21 3.59 27.17 14.76
CA VAL A 21 3.62 25.67 14.69
C VAL A 21 4.58 25.18 15.74
N MET A 22 4.04 24.52 16.77
CA MET A 22 4.82 23.96 17.85
C MET A 22 5.24 22.51 17.51
N GLY A 23 6.53 22.28 17.42
CA GLY A 23 7.09 20.99 16.97
C GLY A 23 7.31 20.89 15.52
N TYR A 24 8.56 20.74 15.08
CA TYR A 24 8.85 20.60 13.70
C TYR A 24 9.25 19.18 13.36
N GLY A 25 8.35 18.21 13.55
CA GLY A 25 8.57 16.80 13.24
C GLY A 25 7.73 16.41 12.05
N ALA A 26 7.21 15.19 12.02
CA ALA A 26 6.62 14.69 10.73
C ALA A 26 5.53 15.66 10.28
N GLN A 27 4.62 16.00 11.20
CA GLN A 27 3.51 16.89 10.87
C GLN A 27 3.92 18.40 10.85
N GLY A 28 4.67 18.86 11.82
CA GLY A 28 5.04 20.27 11.91
C GLY A 28 5.85 20.69 10.68
N ASP A 29 6.80 19.84 10.27
CA ASP A 29 7.62 20.09 9.09
C ASP A 29 6.73 20.18 7.82
N ALA A 30 5.88 19.16 7.60
CA ALA A 30 4.98 19.17 6.46
C ALA A 30 4.05 20.36 6.49
N GLN A 31 3.39 20.56 7.62
CA GLN A 31 2.32 21.57 7.69
C GLN A 31 2.93 23.00 7.58
N ALA A 32 3.97 23.24 8.32
CA ALA A 32 4.67 24.52 8.23
C ALA A 32 5.11 24.89 6.81
N ASN A 33 5.66 23.96 6.07
CA ASN A 33 6.09 24.24 4.75
C ASN A 33 4.98 24.38 3.76
N CYS A 34 3.87 23.64 3.93
CA CYS A 34 2.75 23.83 3.03
C CYS A 34 2.10 25.21 3.27
N LEU A 35 1.98 25.59 4.54
CA LEU A 35 1.42 26.85 4.91
C LEU A 35 2.32 28.01 4.37
N LYS A 36 3.61 27.88 4.61
CA LYS A 36 4.56 28.91 4.11
C LYS A 36 4.53 29.04 2.56
N ASP A 37 4.49 27.92 1.86
CA ASP A 37 4.40 27.86 0.43
C ASP A 37 3.12 28.48 -0.13
N SER A 38 2.01 28.47 0.64
CA SER A 38 0.75 29.07 0.30
C SER A 38 0.68 30.53 0.73
N GLY A 39 1.76 31.08 1.27
CA GLY A 39 1.79 32.49 1.56
C GLY A 39 1.35 32.81 2.94
N ILE A 40 1.22 31.82 3.85
CA ILE A 40 0.79 32.14 5.22
C ILE A 40 2.00 32.42 6.07
N ASN A 41 1.86 33.34 7.01
CA ASN A 41 2.92 33.71 7.91
C ASN A 41 3.04 32.64 9.01
N VAL A 42 4.19 31.96 9.08
CA VAL A 42 4.41 30.90 10.10
C VAL A 42 5.60 31.16 10.96
N VAL A 43 5.49 30.90 12.27
CA VAL A 43 6.67 30.84 13.11
C VAL A 43 6.73 29.48 13.76
N ILE A 44 7.96 28.97 13.91
CA ILE A 44 8.19 27.66 14.59
C ILE A 44 8.49 27.87 16.05
N GLY A 45 7.73 27.18 16.88
CA GLY A 45 8.05 27.00 18.31
C GLY A 45 8.77 25.65 18.47
N GLU A 46 10.01 25.69 18.96
CA GLU A 46 10.77 24.47 19.17
C GLU A 46 11.65 24.61 20.38
N THR A 47 12.32 23.51 20.72
CA THR A 47 13.21 23.45 21.85
C THR A 47 14.63 23.12 21.36
N GLU A 48 15.56 24.00 21.68
CA GLU A 48 16.89 23.99 21.11
C GLU A 48 17.68 22.74 21.53
N ILE A 49 17.56 22.37 22.79
CA ILE A 49 18.25 21.24 23.36
C ILE A 49 17.22 20.26 23.87
N LEU A 50 17.33 18.99 23.45
CA LEU A 50 16.51 17.94 24.00
C LEU A 50 17.41 16.78 24.46
N GLY A 51 17.15 16.25 25.67
CA GLY A 51 17.95 15.21 26.31
C GLY A 51 19.41 15.57 26.33
N GLY A 52 19.72 16.83 26.63
CA GLY A 52 21.09 17.27 26.75
C GLY A 52 21.82 17.45 25.44
N ASN A 53 21.17 17.20 24.30
CA ASN A 53 21.79 17.45 22.99
C ASN A 53 21.07 18.43 22.10
N LYS A 54 21.75 18.93 21.08
CA LYS A 54 21.13 19.80 20.12
C LYS A 54 19.95 19.06 19.52
N ASN A 55 18.77 19.69 19.50
CA ASN A 55 17.61 19.10 18.82
C ASN A 55 17.71 19.32 17.33
N PRO A 56 17.87 18.23 16.54
CA PRO A 56 17.93 18.42 15.10
C PRO A 56 16.69 19.14 14.43
N SER A 57 15.52 19.05 15.05
CA SER A 57 14.33 19.69 14.52
C SER A 57 14.45 21.24 14.60
N TRP A 58 14.98 21.72 15.71
CA TRP A 58 15.34 23.15 15.82
C TRP A 58 16.25 23.62 14.66
N GLU A 59 17.32 22.87 14.41
CA GLU A 59 18.29 23.22 13.39
C GLU A 59 17.65 23.14 12.04
N LYS A 60 16.84 22.09 11.85
CA LYS A 60 16.31 21.89 10.53
C LYS A 60 15.37 23.05 10.16
N ALA A 61 14.51 23.43 11.10
CA ALA A 61 13.58 24.54 10.87
C ALA A 61 14.33 25.86 10.55
N LYS A 62 15.47 26.11 11.23
CA LYS A 62 16.36 27.31 10.89
C LYS A 62 16.87 27.26 9.45
N GLU A 63 17.39 26.09 9.10
CA GLU A 63 17.86 25.74 7.80
C GLU A 63 16.84 25.81 6.71
N ASP A 64 15.57 25.50 7.02
CA ASP A 64 14.50 25.51 6.03
C ASP A 64 13.91 26.93 5.89
N GLY A 65 14.48 27.89 6.63
CA GLY A 65 14.21 29.29 6.44
C GLY A 65 13.11 29.84 7.31
N PHE A 66 12.76 29.17 8.41
CA PHE A 66 11.76 29.70 9.32
C PHE A 66 12.33 30.57 10.41
N GLU A 67 11.53 31.48 10.93
CA GLU A 67 11.78 32.00 12.24
C GLU A 67 11.50 30.95 13.32
N VAL A 68 12.48 30.70 14.20
CA VAL A 68 12.43 29.62 15.15
C VAL A 68 12.64 30.19 16.53
N LEU A 69 11.64 30.01 17.39
CA LEU A 69 11.64 30.53 18.70
C LEU A 69 11.44 29.44 19.69
N PRO A 70 11.76 29.70 20.96
CA PRO A 70 11.28 28.88 22.03
C PRO A 70 9.76 28.85 22.01
N ILE A 71 9.19 27.75 22.50
CA ILE A 71 7.73 27.59 22.46
C ILE A 71 6.98 28.75 23.12
N ASP A 72 7.41 29.19 24.30
CA ASP A 72 6.74 30.34 24.93
C ASP A 72 6.69 31.63 24.07
N LYS A 73 7.79 31.99 23.43
CA LYS A 73 7.79 33.18 22.54
C LYS A 73 7.01 32.94 21.27
N ALA A 74 7.02 31.71 20.78
CA ALA A 74 6.21 31.39 19.61
C ALA A 74 4.73 31.50 19.91
N ALA A 75 4.32 31.09 21.09
CA ALA A 75 2.93 31.11 21.48
C ALA A 75 2.44 32.57 21.60
N GLU A 76 3.33 33.40 22.11
CA GLU A 76 3.07 34.85 22.21
C GLU A 76 2.79 35.45 20.85
N LYS A 77 3.54 35.07 19.85
CA LYS A 77 3.46 35.64 18.59
C LYS A 77 2.31 35.06 17.72
N GLY A 78 1.90 33.83 17.98
CA GLY A 78 0.92 33.24 17.09
C GLY A 78 -0.50 33.69 17.41
N ASP A 79 -1.24 33.96 16.35
CA ASP A 79 -2.69 34.10 16.47
C ASP A 79 -3.35 32.70 16.58
N VAL A 80 -2.72 31.74 15.88
CA VAL A 80 -3.08 30.32 15.97
C VAL A 80 -1.88 29.62 16.57
N VAL A 81 -2.12 28.90 17.67
CA VAL A 81 -1.05 28.15 18.35
C VAL A 81 -1.32 26.65 18.05
N HIS A 82 -0.55 26.12 17.12
CA HIS A 82 -0.91 24.84 16.51
C HIS A 82 0.07 23.78 17.04
N ILE A 83 -0.46 22.89 17.86
CA ILE A 83 0.33 21.95 18.68
C ILE A 83 0.61 20.71 17.83
N LEU A 84 1.84 20.62 17.34
CA LEU A 84 2.30 19.44 16.56
C LEU A 84 3.51 18.76 17.24
N LEU A 85 3.41 18.72 18.56
CA LEU A 85 4.29 17.98 19.39
C LEU A 85 3.73 16.55 19.59
N PRO A 86 4.57 15.59 20.02
CA PRO A 86 4.02 14.25 20.34
C PRO A 86 2.89 14.33 21.31
N ASP A 87 1.83 13.56 21.10
CA ASP A 87 0.65 13.61 21.98
C ASP A 87 1.01 13.48 23.45
N GLU A 88 1.95 12.59 23.74
CA GLU A 88 2.24 12.23 25.15
C GLU A 88 2.93 13.35 25.93
N VAL A 89 3.57 14.27 25.22
CA VAL A 89 4.26 15.39 25.87
C VAL A 89 3.45 16.69 25.85
N GLN A 90 2.37 16.72 25.05
CA GLN A 90 1.61 18.00 24.96
C GLN A 90 1.12 18.49 26.29
N PRO A 91 0.57 17.66 27.18
CA PRO A 91 -0.04 18.25 28.38
C PRO A 91 0.97 19.08 29.22
N ALA A 92 2.17 18.54 29.46
CA ALA A 92 3.15 19.26 30.30
C ALA A 92 3.65 20.52 29.59
N ILE A 93 3.95 20.46 28.27
CA ILE A 93 4.45 21.55 27.54
C ILE A 93 3.36 22.64 27.43
N TYR A 94 2.11 22.20 27.27
CA TYR A 94 1.01 23.15 27.22
C TYR A 94 0.96 23.93 28.55
N GLU A 95 0.95 23.21 29.66
CA GLU A 95 0.77 23.80 30.96
C GLU A 95 1.90 24.76 31.24
N ASN A 96 3.12 24.33 30.96
CA ASN A 96 4.30 25.16 31.29
C ASN A 96 4.68 26.27 30.34
N GLN A 97 4.56 26.04 29.07
CA GLN A 97 5.16 26.89 28.06
C GLN A 97 4.14 27.64 27.18
N ILE A 98 2.90 27.15 27.15
CA ILE A 98 1.92 27.66 26.17
C ILE A 98 0.80 28.39 26.90
N LYS A 99 0.20 27.74 27.87
CA LYS A 99 -0.96 28.23 28.58
C LYS A 99 -0.73 29.67 29.09
N PRO A 100 0.43 29.98 29.69
CA PRO A 100 0.57 31.41 30.17
C PRO A 100 0.63 32.46 29.13
N GLN A 101 0.89 32.09 27.88
N GLN A 101 0.94 32.08 27.89
CA GLN A 101 0.92 33.02 26.77
CA GLN A 101 0.94 33.02 26.77
C GLN A 101 -0.42 33.10 26.04
C GLN A 101 -0.40 33.09 26.03
N LEU A 102 -1.41 32.33 26.47
CA LEU A 102 -2.70 32.31 25.72
C LEU A 102 -3.36 33.66 26.04
N LYS A 103 -3.95 34.26 25.07
CA LYS A 103 -4.73 35.48 25.34
C LYS A 103 -6.08 35.17 24.72
N ALA A 104 -7.10 35.81 25.26
CA ALA A 104 -8.44 35.76 24.61
C ALA A 104 -8.41 35.91 23.17
N GLY A 105 -9.20 35.06 22.52
CA GLY A 105 -9.35 35.05 21.08
C GLY A 105 -8.27 34.52 20.21
N LYS A 106 -7.10 34.18 20.77
CA LYS A 106 -6.23 33.24 20.03
C LYS A 106 -7.03 31.93 19.76
N ALA A 107 -6.51 31.16 18.81
CA ALA A 107 -7.05 29.80 18.55
C ALA A 107 -5.93 28.79 18.92
N LEU A 108 -6.31 27.82 19.72
CA LEU A 108 -5.47 26.62 20.02
C LEU A 108 -5.91 25.51 19.07
N CYS A 109 -4.95 24.99 18.30
CA CYS A 109 -5.24 24.04 17.25
C CYS A 109 -4.38 22.77 17.48
N PHE A 110 -4.91 21.67 16.97
CA PHE A 110 -4.30 20.31 17.13
C PHE A 110 -4.45 19.63 15.78
N SER A 111 -3.71 18.54 15.56
CA SER A 111 -3.98 17.68 14.43
C SER A 111 -4.40 16.29 14.82
N HIS A 112 -4.74 16.09 16.08
CA HIS A 112 -5.34 14.85 16.57
C HIS A 112 -6.09 15.28 17.81
N GLY A 113 -7.29 14.71 17.99
CA GLY A 113 -8.16 15.06 19.13
C GLY A 113 -7.84 14.52 20.52
N PHE A 114 -6.81 13.63 20.59
CA PHE A 114 -6.54 12.80 21.80
C PHE A 114 -6.59 13.67 23.07
N ASN A 115 -5.74 14.70 23.12
CA ASN A 115 -5.56 15.41 24.39
C ASN A 115 -6.75 16.20 24.83
N ILE A 116 -7.45 16.76 23.87
CA ILE A 116 -8.72 17.46 24.17
C ILE A 116 -9.84 16.48 24.50
N CYS A 117 -9.98 15.44 23.67
CA CYS A 117 -10.99 14.40 23.87
C CYS A 117 -10.91 13.74 25.25
N PHE A 118 -9.71 13.31 25.64
CA PHE A 118 -9.52 12.63 26.91
C PHE A 118 -9.26 13.56 28.04
N LYS A 119 -9.41 14.88 27.81
CA LYS A 119 -9.32 15.84 28.90
C LYS A 119 -7.92 15.91 29.54
N ARG A 120 -6.86 15.65 28.79
CA ARG A 120 -5.57 15.87 29.25
C ARG A 120 -5.12 17.31 29.17
N ILE A 121 -5.73 18.05 28.26
CA ILE A 121 -5.58 19.52 28.15
C ILE A 121 -6.99 20.14 28.23
N VAL A 122 -7.16 21.08 29.16
CA VAL A 122 -8.47 21.71 29.36
C VAL A 122 -8.21 23.23 29.11
N PRO A 123 -8.49 23.73 27.89
CA PRO A 123 -8.10 25.09 27.46
C PRO A 123 -8.93 26.14 28.23
N PRO A 124 -8.42 27.34 28.35
CA PRO A 124 -9.33 28.38 28.88
C PRO A 124 -10.60 28.57 28.01
N GLU A 125 -11.64 29.08 28.65
CA GLU A 125 -12.93 29.30 28.03
C GLU A 125 -12.86 30.34 26.91
N ASP A 126 -11.91 31.26 26.96
CA ASP A 126 -11.94 32.41 26.04
C ASP A 126 -11.04 32.28 24.86
N VAL A 127 -10.57 31.07 24.55
CA VAL A 127 -9.83 30.82 23.31
C VAL A 127 -10.59 29.88 22.40
N ASP A 128 -10.40 30.03 21.12
CA ASP A 128 -11.01 29.12 20.20
C ASP A 128 -10.18 27.79 20.34
N VAL A 129 -10.86 26.68 20.08
CA VAL A 129 -10.19 25.34 20.13
C VAL A 129 -10.63 24.57 18.89
N ILE A 130 -9.67 24.32 18.02
CA ILE A 130 -9.90 23.75 16.73
C ILE A 130 -8.97 22.57 16.46
N MET A 131 -9.32 21.80 15.44
CA MET A 131 -8.51 20.70 14.98
C MET A 131 -8.55 20.59 13.49
N VAL A 132 -7.38 20.51 12.88
CA VAL A 132 -7.21 20.17 11.47
C VAL A 132 -6.38 18.87 11.38
N ALA A 133 -7.07 17.77 11.16
CA ALA A 133 -6.44 16.43 11.26
C ALA A 133 -6.25 15.81 9.93
N PRO A 134 -4.98 15.67 9.41
CA PRO A 134 -4.79 15.09 8.10
C PRO A 134 -4.86 13.57 8.25
N LYS A 135 -5.48 12.88 7.29
CA LYS A 135 -5.55 11.43 7.25
C LYS A 135 -4.36 10.96 6.40
N ALA A 136 -3.13 11.24 6.94
CA ALA A 136 -1.93 11.03 6.19
C ALA A 136 -0.70 11.16 7.09
N PRO A 137 0.30 10.29 6.84
CA PRO A 137 1.60 10.57 7.41
C PRO A 137 2.24 11.88 6.82
N GLY A 138 3.00 12.58 7.63
CA GLY A 138 3.39 13.92 7.27
C GLY A 138 4.27 14.02 6.01
N THR A 139 5.15 13.03 5.80
CA THR A 139 6.08 13.01 4.67
C THR A 139 5.26 12.91 3.36
N GLU A 140 4.16 12.10 3.37
CA GLU A 140 3.38 11.82 2.15
C GLU A 140 2.38 12.98 1.91
N GLU A 141 1.98 13.63 2.98
CA GLU A 141 1.21 14.90 2.97
C GLU A 141 1.98 16.01 2.25
N ARG A 142 3.25 16.15 2.58
CA ARG A 142 4.07 17.14 1.93
C ARG A 142 4.28 16.86 0.43
N LYS A 143 4.49 15.60 0.09
CA LYS A 143 4.61 15.16 -1.27
C LYS A 143 3.38 15.42 -2.05
N ALA A 144 2.22 15.08 -1.47
CA ALA A 144 0.97 15.35 -2.15
C ALA A 144 0.82 16.84 -2.50
N TYR A 145 1.18 17.71 -1.54
CA TYR A 145 1.05 19.14 -1.75
C TYR A 145 1.99 19.58 -2.91
N LEU A 146 3.20 19.06 -2.89
CA LEU A 146 4.22 19.43 -3.92
C LEU A 146 3.81 18.89 -5.27
N GLU A 147 3.06 17.78 -5.28
CA GLU A 147 2.54 17.22 -6.52
C GLU A 147 1.30 17.87 -7.09
N GLY A 148 0.75 18.91 -6.46
CA GLY A 148 -0.47 19.58 -6.98
C GLY A 148 -1.77 18.99 -6.46
N PHE A 149 -1.66 18.07 -5.50
CA PHE A 149 -2.81 17.39 -4.91
C PHE A 149 -2.80 17.73 -3.38
N GLY A 150 -3.24 16.79 -2.54
CA GLY A 150 -3.50 17.10 -1.15
C GLY A 150 -3.93 15.79 -0.46
N VAL A 151 -4.00 15.79 0.87
CA VAL A 151 -4.46 14.58 1.63
C VAL A 151 -5.80 14.91 2.22
N PRO A 152 -6.60 13.87 2.45
CA PRO A 152 -7.89 14.13 3.12
C PRO A 152 -7.71 14.63 4.57
N GLY A 153 -8.68 15.40 5.02
CA GLY A 153 -8.69 15.92 6.40
C GLY A 153 -10.00 15.97 7.13
N LEU A 154 -9.91 16.05 8.44
CA LEU A 154 -11.04 16.13 9.34
C LEU A 154 -10.89 17.45 10.10
N VAL A 155 -11.99 18.21 10.18
CA VAL A 155 -11.96 19.49 10.84
C VAL A 155 -13.01 19.53 11.94
N ALA A 156 -12.59 19.85 13.16
CA ALA A 156 -13.44 19.93 14.30
C ALA A 156 -13.27 21.28 15.05
N VAL A 157 -14.33 21.67 15.74
CA VAL A 157 -14.35 22.86 16.60
C VAL A 157 -14.90 22.52 17.93
N LYS A 158 -14.13 22.75 18.97
CA LYS A 158 -14.56 22.40 20.32
C LYS A 158 -15.06 23.69 21.02
N GLN A 159 -14.40 24.83 20.74
CA GLN A 159 -14.77 26.15 21.37
C GLN A 159 -14.67 27.25 20.29
N ASN A 160 -15.64 28.18 20.33
CA ASN A 160 -15.73 29.20 19.28
C ASN A 160 -16.10 30.60 19.91
N PRO A 161 -15.38 30.99 20.95
CA PRO A 161 -15.73 32.31 21.53
C PRO A 161 -15.47 33.54 20.64
N SER A 162 -14.64 33.38 19.62
CA SER A 162 -14.37 34.46 18.71
C SER A 162 -15.39 34.53 17.58
N GLY A 163 -16.16 33.47 17.42
CA GLY A 163 -16.97 33.21 16.23
C GLY A 163 -16.32 32.76 14.98
N GLU A 164 -15.00 32.87 14.90
CA GLU A 164 -14.30 32.61 13.68
C GLU A 164 -13.50 31.24 13.75
N ALA A 165 -13.76 30.42 14.76
CA ALA A 165 -12.97 29.17 14.92
C ALA A 165 -13.06 28.28 13.71
N ARG A 166 -14.28 28.06 13.23
CA ARG A 166 -14.49 27.19 12.08
C ARG A 166 -13.84 27.75 10.83
N GLU A 167 -14.04 29.04 10.60
CA GLU A 167 -13.50 29.67 9.44
C GLU A 167 -11.96 29.52 9.36
N VAL A 168 -11.31 29.73 10.48
CA VAL A 168 -9.85 29.62 10.62
C VAL A 168 -9.40 28.17 10.35
N ALA A 169 -10.08 27.23 10.99
CA ALA A 169 -9.74 25.77 10.81
C ALA A 169 -9.89 25.38 9.36
N LEU A 170 -11.03 25.72 8.73
CA LEU A 170 -11.21 25.32 7.35
C LEU A 170 -10.18 25.99 6.44
N ALA A 171 -9.89 27.25 6.76
CA ALA A 171 -9.00 28.06 5.94
C ALA A 171 -7.63 27.39 5.94
N MET A 172 -7.23 26.93 7.12
CA MET A 172 -5.92 26.24 7.25
C MET A 172 -5.86 25.03 6.31
N THR A 173 -6.96 24.27 6.20
CA THR A 173 -6.96 23.06 5.36
C THR A 173 -6.93 23.37 3.89
N LYS A 174 -7.53 24.52 3.56
CA LYS A 174 -7.47 24.93 2.15
C LYS A 174 -6.07 25.41 1.77
N ALA A 175 -5.47 26.23 2.62
CA ALA A 175 -4.09 26.72 2.43
C ALA A 175 -3.07 25.52 2.35
N MET A 176 -3.37 24.45 3.09
CA MET A 176 -2.54 23.19 2.99
C MET A 176 -2.96 22.26 1.90
N HIS A 177 -3.98 22.66 1.13
CA HIS A 177 -4.44 21.93 -0.05
C HIS A 177 -5.12 20.58 0.23
N TRP A 178 -5.52 20.37 1.48
CA TRP A 178 -6.18 19.11 1.86
C TRP A 178 -7.58 19.08 1.23
N THR A 179 -8.14 20.26 0.99
CA THR A 179 -9.43 20.37 0.28
C THR A 179 -9.41 19.82 -1.11
N LYS A 180 -8.22 19.68 -1.73
CA LYS A 180 -8.16 19.03 -3.01
C LYS A 180 -8.58 17.54 -2.97
N ALA A 181 -8.30 16.90 -1.84
CA ALA A 181 -8.78 15.53 -1.63
C ALA A 181 -10.14 15.56 -0.97
N GLY A 182 -10.30 16.45 0.01
CA GLY A 182 -11.56 16.63 0.69
C GLY A 182 -11.48 16.67 2.17
N ILE A 183 -12.35 17.46 2.75
CA ILE A 183 -12.44 17.70 4.20
C ILE A 183 -13.83 17.26 4.69
N LEU A 184 -13.82 16.57 5.81
CA LEU A 184 -15.03 16.21 6.55
C LEU A 184 -15.04 16.93 7.85
N GLU A 185 -16.20 17.54 8.17
CA GLU A 185 -16.41 18.07 9.50
C GLU A 185 -16.87 17.08 10.49
N CYS A 186 -16.36 17.20 11.72
CA CYS A 186 -16.62 16.16 12.73
C CYS A 186 -16.34 16.74 14.08
N THR A 187 -16.49 15.97 15.12
CA THR A 187 -16.17 16.42 16.45
C THR A 187 -14.75 15.97 16.83
N PHE A 188 -14.22 16.55 17.89
CA PHE A 188 -12.88 16.19 18.39
C PHE A 188 -12.90 14.66 18.79
N GLU A 189 -14.02 14.21 19.34
N GLU A 189 -13.96 14.26 19.52
CA GLU A 189 -14.14 12.86 19.87
CA GLU A 189 -14.24 12.86 19.90
C GLU A 189 -14.20 11.90 18.68
C GLU A 189 -14.11 12.00 18.65
N GLN A 190 -14.95 12.25 17.65
CA GLN A 190 -15.00 11.39 16.49
C GLN A 190 -13.68 11.15 15.81
N GLU A 191 -12.95 12.21 15.55
CA GLU A 191 -11.60 12.09 15.01
C GLU A 191 -10.72 11.22 15.87
N THR A 192 -10.79 11.41 17.19
CA THR A 192 -9.88 10.74 18.06
C THR A 192 -10.10 9.25 17.94
N TYR A 193 -11.38 8.84 17.98
CA TYR A 193 -11.66 7.42 18.01
C TYR A 193 -11.42 6.73 16.71
N GLU A 194 -11.81 7.34 15.61
CA GLU A 194 -11.63 6.71 14.28
C GLU A 194 -10.13 6.60 13.98
N ASP A 195 -9.41 7.64 14.38
CA ASP A 195 -7.95 7.75 14.10
C ASP A 195 -7.19 6.64 14.84
N LEU A 196 -7.44 6.55 16.12
CA LEU A 196 -6.84 5.53 16.95
C LEU A 196 -7.19 4.14 16.44
N PHE A 197 -8.48 3.94 16.12
CA PHE A 197 -8.89 2.65 15.55
C PHE A 197 -8.16 2.31 14.28
N GLY A 198 -8.12 3.25 13.36
CA GLY A 198 -7.55 3.03 12.03
C GLY A 198 -6.06 2.67 12.13
N GLU A 199 -5.29 3.42 12.92
CA GLU A 199 -3.88 3.17 12.96
C GLU A 199 -3.64 1.79 13.66
N GLN A 200 -4.38 1.50 14.71
CA GLN A 200 -4.23 0.26 15.46
C GLN A 200 -4.59 -0.98 14.62
N CYS A 201 -5.73 -0.93 14.00
CA CYS A 201 -6.40 -2.13 13.49
C CYS A 201 -6.15 -2.34 11.98
N VAL A 202 -5.86 -1.26 11.24
CA VAL A 202 -5.84 -1.33 9.78
C VAL A 202 -4.51 -0.86 9.22
N LEU A 203 -4.24 0.43 9.40
CA LEU A 203 -3.12 1.03 8.71
C LEU A 203 -1.73 0.62 9.21
N CYS A 204 -1.56 0.46 10.51
CA CYS A 204 -0.22 0.23 11.06
C CYS A 204 -0.25 -1.17 11.74
N GLY A 205 -1.00 -1.36 12.84
CA GLY A 205 -1.07 -2.66 13.47
C GLY A 205 -1.53 -3.72 12.51
N GLY A 206 -2.65 -3.50 11.87
CA GLY A 206 -3.15 -4.54 10.97
C GLY A 206 -2.27 -4.85 9.81
N LEU A 207 -1.85 -3.82 9.11
CA LEU A 207 -1.00 -3.96 7.93
C LEU A 207 0.33 -4.69 8.27
N VAL A 208 0.99 -4.26 9.34
CA VAL A 208 2.33 -4.79 9.64
C VAL A 208 2.19 -6.23 10.12
N GLU A 209 1.19 -6.53 10.92
CA GLU A 209 0.96 -7.91 11.38
C GLU A 209 0.52 -8.82 10.26
N LEU A 210 -0.23 -8.27 9.29
CA LEU A 210 -0.57 -9.06 8.11
C LEU A 210 0.69 -9.44 7.29
N MET A 211 1.46 -8.45 6.92
CA MET A 211 2.68 -8.73 6.17
C MET A 211 3.67 -9.62 6.96
N ARG A 212 3.83 -9.35 8.26
N ARG A 212 3.83 -9.34 8.27
CA ARG A 212 4.80 -10.11 9.06
CA ARG A 212 4.83 -10.06 9.05
C ARG A 212 4.40 -11.56 9.19
C ARG A 212 4.42 -11.53 9.23
N ASN A 213 3.14 -11.81 9.47
CA ASN A 213 2.69 -13.18 9.59
C ASN A 213 2.76 -13.91 8.27
N GLY A 214 2.40 -13.27 7.15
CA GLY A 214 2.63 -13.91 5.85
C GLY A 214 4.07 -14.27 5.57
N PHE A 215 4.95 -13.34 5.86
CA PHE A 215 6.39 -13.49 5.60
C PHE A 215 6.89 -14.69 6.45
N GLU A 216 6.51 -14.73 7.72
CA GLU A 216 6.90 -15.82 8.61
C GLU A 216 6.42 -17.21 8.13
N VAL A 217 5.17 -17.27 7.72
CA VAL A 217 4.65 -18.49 7.18
C VAL A 217 5.46 -19.03 6.02
N LEU A 218 5.78 -18.19 5.06
CA LEU A 218 6.65 -18.61 3.95
C LEU A 218 8.03 -19.09 4.43
N VAL A 219 8.70 -18.27 5.24
CA VAL A 219 10.06 -18.59 5.69
C VAL A 219 10.04 -19.87 6.50
N GLU A 220 9.02 -20.05 7.34
CA GLU A 220 8.93 -21.25 8.20
C GLU A 220 8.64 -22.51 7.39
N ALA A 221 8.08 -22.35 6.20
CA ALA A 221 7.84 -23.44 5.26
C ALA A 221 9.00 -23.68 4.29
N GLY A 222 10.08 -22.97 4.45
CA GLY A 222 11.28 -23.21 3.70
C GLY A 222 11.42 -22.35 2.46
N TYR A 223 10.63 -21.31 2.30
CA TYR A 223 10.86 -20.39 1.17
C TYR A 223 11.88 -19.33 1.60
N PRO A 224 12.74 -18.88 0.67
CA PRO A 224 13.82 -17.92 1.01
C PRO A 224 13.20 -16.60 1.50
N PRO A 225 13.80 -16.00 2.52
CA PRO A 225 13.32 -14.73 2.98
C PRO A 225 13.31 -13.64 1.94
N GLU A 226 14.20 -13.65 0.95
CA GLU A 226 14.12 -12.66 -0.11
C GLU A 226 12.81 -12.78 -0.94
N MET A 227 12.43 -14.04 -1.15
CA MET A 227 11.17 -14.36 -1.87
C MET A 227 9.94 -13.91 -1.08
N ALA A 228 9.91 -14.21 0.22
CA ALA A 228 8.89 -13.77 1.12
C ALA A 228 8.80 -12.30 1.20
N TYR A 229 9.94 -11.61 1.18
CA TYR A 229 9.91 -10.13 1.08
C TYR A 229 9.28 -9.52 -0.16
N PHE A 230 9.66 -10.01 -1.34
CA PHE A 230 9.16 -9.47 -2.54
C PHE A 230 7.63 -9.74 -2.62
N GLU A 231 7.24 -10.94 -2.23
CA GLU A 231 5.82 -11.34 -2.28
C GLU A 231 4.98 -10.57 -1.27
N CYS A 232 5.39 -10.49 0.00
CA CYS A 232 4.52 -10.00 1.07
C CYS A 232 4.67 -8.53 1.37
N VAL A 233 5.81 -7.93 1.01
CA VAL A 233 6.07 -6.52 1.33
C VAL A 233 6.28 -5.66 0.10
N HIS A 234 7.27 -5.94 -0.75
CA HIS A 234 7.51 -5.07 -1.87
C HIS A 234 6.27 -4.97 -2.81
N GLU A 235 5.60 -6.08 -3.06
CA GLU A 235 4.44 -6.06 -3.98
C GLU A 235 3.22 -5.40 -3.36
N MET A 236 3.16 -5.30 -2.05
CA MET A 236 1.99 -4.70 -1.41
C MET A 236 1.75 -3.28 -1.86
N LYS A 237 2.84 -2.54 -2.06
CA LYS A 237 2.70 -1.17 -2.54
C LYS A 237 2.11 -1.10 -3.92
N LEU A 238 2.45 -2.05 -4.74
CA LEU A 238 2.00 -2.02 -6.15
C LEU A 238 0.49 -2.33 -6.26
N ILE A 239 0.05 -3.23 -5.38
CA ILE A 239 -1.35 -3.62 -5.27
C ILE A 239 -2.20 -2.52 -4.64
N VAL A 240 -1.72 -1.97 -3.53
CA VAL A 240 -2.45 -0.90 -2.87
C VAL A 240 -2.58 0.31 -3.75
N ASP A 241 -1.56 0.59 -4.58
CA ASP A 241 -1.66 1.68 -5.56
C ASP A 241 -2.88 1.53 -6.49
N LEU A 242 -3.17 0.31 -6.90
CA LEU A 242 -4.38 0.05 -7.75
C LEU A 242 -5.69 0.36 -7.02
N VAL A 243 -5.74 -0.06 -5.77
CA VAL A 243 -6.93 0.18 -4.95
C VAL A 243 -7.09 1.69 -4.74
N TRP A 244 -5.98 2.37 -4.44
CA TRP A 244 -6.01 3.83 -4.19
C TRP A 244 -6.57 4.57 -5.42
N GLN A 245 -6.20 4.10 -6.59
CA GLN A 245 -6.52 4.75 -7.87
C GLN A 245 -7.97 4.47 -8.26
N GLY A 246 -8.39 3.23 -8.16
CA GLY A 246 -9.67 2.79 -8.76
C GLY A 246 -10.47 1.81 -7.93
N GLY A 247 -10.20 1.71 -6.64
CA GLY A 247 -10.91 0.81 -5.74
C GLY A 247 -10.53 -0.66 -5.89
N ILE A 248 -11.25 -1.51 -5.13
CA ILE A 248 -11.06 -2.96 -5.31
C ILE A 248 -11.39 -3.34 -6.73
N LYS A 249 -12.38 -2.65 -7.35
CA LYS A 249 -12.71 -2.92 -8.73
C LYS A 249 -11.52 -2.87 -9.71
N ARG A 250 -10.73 -1.81 -9.63
CA ARG A 250 -9.55 -1.66 -10.49
C ARG A 250 -8.52 -2.74 -10.23
N MET A 251 -8.25 -2.94 -8.95
CA MET A 251 -7.28 -3.96 -8.60
C MET A 251 -7.66 -5.33 -9.09
N ALA A 252 -8.93 -5.74 -8.85
CA ALA A 252 -9.41 -7.01 -9.28
C ALA A 252 -9.35 -7.18 -10.82
N GLU A 253 -9.46 -6.11 -11.55
CA GLU A 253 -9.39 -6.14 -13.02
C GLU A 253 -7.96 -6.44 -13.50
N VAL A 254 -7.00 -5.94 -12.76
CA VAL A 254 -5.56 -6.02 -13.17
C VAL A 254 -4.91 -7.35 -12.74
N ILE A 255 -5.18 -7.80 -11.52
CA ILE A 255 -4.66 -9.11 -11.06
C ILE A 255 -5.21 -10.20 -11.98
N SER A 256 -4.62 -11.38 -11.92
CA SER A 256 -5.06 -12.47 -12.70
C SER A 256 -6.41 -13.01 -12.18
N ASN A 257 -7.14 -13.71 -13.04
CA ASN A 257 -8.41 -14.36 -12.58
C ASN A 257 -8.12 -15.38 -11.53
N THR A 258 -6.94 -16.07 -11.59
CA THR A 258 -6.52 -17.00 -10.55
C THR A 258 -6.44 -16.29 -9.21
N ALA A 259 -5.80 -15.12 -9.22
CA ALA A 259 -5.63 -14.35 -8.00
C ALA A 259 -6.98 -13.79 -7.48
N GLU A 260 -7.80 -13.29 -8.41
CA GLU A 260 -9.15 -12.78 -8.06
C GLU A 260 -10.03 -13.86 -7.41
N TYR A 261 -10.02 -15.06 -7.98
CA TYR A 261 -10.66 -16.24 -7.37
C TYR A 261 -10.08 -16.48 -6.01
N GLY A 262 -8.76 -16.52 -5.89
CA GLY A 262 -8.13 -16.75 -4.59
C GLY A 262 -8.52 -15.70 -3.58
N MET A 263 -8.52 -14.45 -3.98
CA MET A 263 -8.89 -13.37 -3.10
C MET A 263 -10.27 -13.62 -2.40
N TRP A 264 -11.27 -13.95 -3.23
CA TRP A 264 -12.63 -14.21 -2.72
C TRP A 264 -12.79 -15.56 -2.08
N ALA A 265 -12.10 -16.58 -2.60
CA ALA A 265 -12.21 -17.91 -1.97
C ALA A 265 -11.52 -18.04 -0.66
N VAL A 266 -10.32 -17.44 -0.52
CA VAL A 266 -9.46 -17.68 0.60
C VAL A 266 -9.29 -16.46 1.55
N GLY A 267 -9.37 -15.26 1.04
CA GLY A 267 -9.09 -14.09 1.87
C GLY A 267 -9.85 -14.10 3.17
N HIS A 268 -11.18 -14.32 3.07
CA HIS A 268 -12.05 -14.29 4.27
C HIS A 268 -11.79 -15.49 5.21
N GLN A 269 -11.14 -16.56 4.75
CA GLN A 269 -10.69 -17.63 5.63
C GLN A 269 -9.51 -17.23 6.48
N ILE A 270 -8.75 -16.26 6.00
CA ILE A 270 -7.59 -15.76 6.76
C ILE A 270 -8.02 -14.68 7.74
N ILE A 271 -8.72 -13.68 7.20
CA ILE A 271 -9.22 -12.49 7.91
C ILE A 271 -10.75 -12.59 7.84
N GLY A 272 -11.29 -13.15 8.91
CA GLY A 272 -12.70 -13.48 8.99
C GLY A 272 -13.44 -12.80 10.11
N PRO A 273 -14.63 -13.36 10.44
CA PRO A 273 -15.47 -12.78 11.47
C PRO A 273 -14.77 -12.62 12.78
N GLU A 274 -13.85 -13.53 13.15
CA GLU A 274 -13.13 -13.42 14.42
C GLU A 274 -12.31 -12.14 14.46
N VAL A 275 -11.70 -11.82 13.33
CA VAL A 275 -10.94 -10.54 13.20
C VAL A 275 -11.84 -9.30 13.35
N LYS A 276 -13.01 -9.37 12.76
CA LYS A 276 -13.94 -8.26 12.85
C LYS A 276 -14.35 -8.02 14.33
N GLU A 277 -14.58 -9.12 15.05
CA GLU A 277 -14.97 -9.05 16.48
C GLU A 277 -13.83 -8.45 17.31
N LYS A 278 -12.58 -8.81 17.02
N LYS A 278 -12.58 -8.81 17.02
CA LYS A 278 -11.42 -8.22 17.72
CA LYS A 278 -11.41 -8.25 17.72
C LYS A 278 -11.40 -6.71 17.43
C LYS A 278 -11.22 -6.75 17.38
N MET A 279 -11.67 -6.36 16.19
CA MET A 279 -11.73 -4.92 15.80
C MET A 279 -12.78 -4.15 16.59
N LYS A 280 -13.97 -4.72 16.72
N LYS A 280 -13.97 -4.71 16.73
CA LYS A 280 -15.03 -4.14 17.55
CA LYS A 280 -15.03 -4.10 17.55
C LYS A 280 -14.56 -3.91 18.97
C LYS A 280 -14.60 -3.93 18.99
N GLU A 281 -13.88 -4.92 19.54
CA GLU A 281 -13.36 -4.83 20.91
C GLU A 281 -12.30 -3.74 21.05
N ALA A 282 -11.41 -3.64 20.07
CA ALA A 282 -10.38 -2.58 20.06
C ALA A 282 -11.04 -1.16 19.94
N LEU A 283 -12.05 -1.06 19.10
CA LEU A 283 -12.77 0.22 18.97
C LEU A 283 -13.41 0.59 20.31
N LYS A 284 -13.94 -0.39 21.03
CA LYS A 284 -14.61 -0.08 22.32
C LYS A 284 -13.58 0.44 23.32
N ARG A 285 -12.37 -0.12 23.31
N ARG A 285 -12.39 -0.17 23.32
N ARG A 285 -12.39 -0.15 23.33
CA ARG A 285 -11.35 0.37 24.22
CA ARG A 285 -11.29 0.26 24.19
CA ARG A 285 -11.32 0.29 24.23
C ARG A 285 -10.82 1.72 23.84
C ARG A 285 -10.72 1.63 23.81
C ARG A 285 -10.76 1.66 23.83
N VAL A 286 -10.91 2.05 22.56
CA VAL A 286 -10.58 3.39 22.15
C VAL A 286 -11.68 4.39 22.64
N GLU A 287 -12.94 4.04 22.40
CA GLU A 287 -14.08 4.94 22.69
C GLU A 287 -14.23 5.15 24.22
N ASN A 288 -13.84 4.18 25.05
CA ASN A 288 -14.19 4.25 26.50
C ASN A 288 -13.05 4.69 27.41
N GLY A 289 -11.92 5.10 26.81
CA GLY A 289 -10.83 5.65 27.54
C GLY A 289 -9.80 4.61 28.05
N GLU A 290 -10.00 3.31 27.81
CA GLU A 290 -9.04 2.28 28.27
C GLU A 290 -7.72 2.40 27.55
N PHE A 291 -7.74 2.45 26.20
CA PHE A 291 -6.54 2.61 25.49
C PHE A 291 -5.80 3.86 25.90
N ALA A 292 -6.57 4.97 26.02
CA ALA A 292 -5.93 6.26 26.28
C ALA A 292 -5.18 6.16 27.63
N ASN A 293 -5.84 5.53 28.61
CA ASN A 293 -5.19 5.38 29.96
C ASN A 293 -3.96 4.51 29.88
N GLU A 294 -4.01 3.45 29.06
CA GLU A 294 -2.81 2.62 28.86
C GLU A 294 -1.67 3.35 28.22
N TRP A 295 -1.96 4.18 27.21
CA TRP A 295 -0.88 4.92 26.60
C TRP A 295 -0.28 6.01 27.51
N VAL A 296 -1.14 6.69 28.25
CA VAL A 296 -0.66 7.62 29.30
C VAL A 296 0.24 6.87 30.28
N ASP A 297 -0.24 5.71 30.76
CA ASP A 297 0.56 4.97 31.77
C ASP A 297 1.85 4.49 31.19
N GLU A 298 1.80 4.07 29.89
CA GLU A 298 3.05 3.67 29.26
C GLU A 298 4.11 4.75 29.19
N TYR A 299 3.67 5.93 28.79
CA TYR A 299 4.55 7.08 28.74
C TYR A 299 5.11 7.41 30.12
N LYS A 300 4.25 7.47 31.11
CA LYS A 300 4.66 7.78 32.55
C LYS A 300 5.69 6.83 33.06
N ARG A 301 5.63 5.57 32.61
CA ARG A 301 6.60 4.52 32.91
C ARG A 301 7.89 4.54 32.13
N GLY A 302 8.10 5.48 31.16
CA GLY A 302 9.31 5.52 30.34
C GLY A 302 9.28 4.67 29.08
N ILE A 303 8.05 4.46 28.60
CA ILE A 303 7.79 3.73 27.32
C ILE A 303 8.54 2.38 27.17
N PRO A 304 8.62 1.61 28.25
CA PRO A 304 9.41 0.34 28.09
C PRO A 304 8.88 -0.66 27.04
N PHE A 305 7.57 -0.74 26.88
CA PHE A 305 6.98 -1.63 25.86
C PHE A 305 7.29 -1.14 24.45
N LEU A 306 7.18 0.20 24.24
CA LEU A 306 7.50 0.72 22.95
C LEU A 306 9.00 0.56 22.64
N LYS A 307 9.92 0.80 23.60
CA LYS A 307 11.30 0.49 23.42
C LYS A 307 11.61 -0.94 23.13
N ALA A 308 11.02 -1.83 23.89
CA ALA A 308 11.22 -3.26 23.62
C ALA A 308 10.71 -3.66 22.22
N SER A 309 9.53 -3.13 21.83
CA SER A 309 8.99 -3.37 20.53
C SER A 309 9.84 -2.87 19.36
N ARG A 310 10.32 -1.64 19.45
CA ARG A 310 11.27 -1.05 18.49
C ARG A 310 12.46 -1.94 18.27
N GLU A 311 13.08 -2.36 19.37
CA GLU A 311 14.25 -3.24 19.29
C GLU A 311 13.95 -4.52 18.65
N LYS A 312 12.85 -5.17 19.02
CA LYS A 312 12.61 -6.49 18.42
C LYS A 312 12.28 -6.38 16.92
N MET A 313 11.51 -5.38 16.51
CA MET A 313 11.16 -5.02 15.08
C MET A 313 12.45 -5.01 14.26
N GLY A 314 13.47 -4.30 14.73
CA GLY A 314 14.67 -4.08 13.98
C GLY A 314 15.48 -5.37 13.89
N GLU A 315 15.25 -6.33 14.74
CA GLU A 315 15.91 -7.64 14.65
C GLU A 315 15.14 -8.64 13.76
N HIS A 316 13.90 -8.32 13.36
CA HIS A 316 13.15 -9.29 12.56
C HIS A 316 13.76 -9.40 11.20
N GLN A 317 13.77 -10.63 10.71
CA GLN A 317 14.19 -10.89 9.35
C GLN A 317 13.56 -10.06 8.24
N VAL A 318 12.28 -9.70 8.36
CA VAL A 318 11.64 -8.90 7.36
C VAL A 318 12.34 -7.54 7.21
N GLU A 319 12.85 -7.03 8.34
CA GLU A 319 13.56 -5.80 8.38
C GLU A 319 15.04 -5.92 7.94
N THR A 320 15.72 -6.95 8.39
CA THR A 320 17.14 -7.08 8.02
C THR A 320 17.27 -7.50 6.55
N VAL A 321 16.43 -8.42 6.10
CA VAL A 321 16.50 -8.80 4.68
C VAL A 321 15.97 -7.71 3.81
N GLY A 322 14.84 -7.08 4.21
CA GLY A 322 14.31 -5.96 3.42
C GLY A 322 15.32 -4.84 3.24
N ALA A 323 16.05 -4.52 4.32
CA ALA A 323 17.06 -3.43 4.21
C ALA A 323 18.16 -3.80 3.19
N GLU A 324 18.58 -5.04 3.21
CA GLU A 324 19.65 -5.56 2.32
C GLU A 324 19.14 -5.50 0.89
N ILE A 325 17.86 -5.94 0.70
CA ILE A 325 17.26 -5.88 -0.66
C ILE A 325 17.13 -4.49 -1.23
N ARG A 326 16.65 -3.57 -0.40
CA ARG A 326 16.33 -2.23 -0.84
C ARG A 326 17.65 -1.45 -1.16
N LYS A 327 18.69 -1.77 -0.39
CA LYS A 327 20.05 -1.17 -0.63
C LYS A 327 20.60 -1.54 -2.01
N LEU A 328 20.24 -2.70 -2.50
CA LEU A 328 20.68 -3.23 -3.80
C LEU A 328 19.83 -2.84 -4.97
N PHE A 329 18.70 -2.15 -4.75
CA PHE A 329 17.97 -1.58 -5.90
C PHE A 329 18.77 -0.54 -6.68
N ALA A 330 18.53 -0.51 -7.98
CA ALA A 330 19.20 0.39 -8.91
C ALA A 330 18.15 1.23 -9.63
N GLN A 331 17.72 2.32 -8.96
N GLN A 331 17.55 2.24 -9.00
CA GLN A 331 16.93 3.42 -9.60
CA GLN A 331 16.80 3.28 -9.76
C GLN A 331 17.82 4.59 -10.08
C GLN A 331 17.61 4.58 -9.78
N MET B 1 19.11 -16.39 0.18
CA MET B 1 19.70 -16.68 -1.17
C MET B 1 20.06 -15.47 -2.05
N GLU B 2 20.89 -15.70 -3.05
CA GLU B 2 21.40 -14.66 -3.86
C GLU B 2 20.38 -14.00 -4.82
N ILE B 3 20.53 -12.70 -5.03
CA ILE B 3 19.65 -11.89 -5.87
C ILE B 3 20.46 -11.41 -7.05
N LEU B 4 20.01 -11.68 -8.26
CA LEU B 4 20.70 -11.26 -9.45
C LEU B 4 20.22 -9.90 -9.93
N HIS B 5 21.15 -9.02 -10.33
CA HIS B 5 20.85 -7.70 -10.86
C HIS B 5 21.47 -7.51 -12.25
N ASP B 6 21.38 -6.32 -12.79
CA ASP B 6 21.87 -6.11 -14.16
C ASP B 6 23.33 -6.61 -14.35
N GLU B 7 24.12 -6.43 -13.30
CA GLU B 7 25.57 -6.74 -13.31
C GLU B 7 25.83 -8.25 -13.46
N ASP B 8 24.83 -9.09 -13.20
CA ASP B 8 24.96 -10.54 -13.22
C ASP B 8 24.51 -11.27 -14.51
N VAL B 9 23.79 -10.55 -15.31
CA VAL B 9 23.03 -11.12 -16.44
C VAL B 9 23.47 -10.50 -17.81
N ASP B 10 23.72 -11.41 -18.74
CA ASP B 10 23.90 -11.11 -20.12
C ASP B 10 22.56 -11.25 -20.88
N ASP B 11 22.19 -10.20 -21.56
CA ASP B 11 21.01 -10.26 -22.41
C ASP B 11 21.28 -10.46 -23.91
N SER B 12 22.52 -10.79 -24.26
N SER B 12 22.52 -10.76 -24.28
CA SER B 12 22.91 -10.86 -25.70
CA SER B 12 22.90 -10.79 -25.71
C SER B 12 22.18 -11.91 -26.47
C SER B 12 22.26 -11.95 -26.50
N ILE B 13 21.87 -13.01 -25.82
CA ILE B 13 21.23 -14.15 -26.49
C ILE B 13 19.88 -13.82 -27.19
N LEU B 14 19.28 -12.70 -26.86
CA LEU B 14 18.00 -12.33 -27.43
C LEU B 14 18.16 -11.63 -28.74
N ARG B 15 19.38 -11.27 -29.16
CA ARG B 15 19.56 -10.55 -30.44
C ARG B 15 18.87 -11.31 -31.64
N ASP B 16 19.06 -12.59 -31.77
CA ASP B 16 18.59 -13.24 -33.01
C ASP B 16 17.08 -13.69 -32.83
N LYS B 17 16.44 -13.37 -31.69
CA LYS B 17 15.22 -14.13 -31.27
C LYS B 17 13.91 -13.32 -31.34
N THR B 18 12.82 -14.01 -31.66
CA THR B 18 11.50 -13.36 -31.65
C THR B 18 10.78 -13.94 -30.45
N ILE B 19 10.18 -13.04 -29.69
CA ILE B 19 9.29 -13.47 -28.59
C ILE B 19 7.85 -13.34 -29.06
N ALA B 20 7.15 -14.45 -29.06
CA ALA B 20 5.71 -14.47 -29.38
C ALA B 20 4.98 -14.40 -28.00
N VAL B 21 4.44 -13.25 -27.74
CA VAL B 21 3.68 -12.99 -26.48
C VAL B 21 2.23 -13.32 -26.76
N MET B 22 1.78 -14.34 -26.09
CA MET B 22 0.44 -14.90 -26.28
C MET B 22 -0.45 -14.25 -25.18
N GLY B 23 -1.37 -13.42 -25.61
CA GLY B 23 -2.29 -12.71 -24.70
C GLY B 23 -1.81 -11.32 -24.43
N TYR B 24 -2.60 -10.31 -24.74
CA TYR B 24 -2.23 -8.91 -24.58
C TYR B 24 -3.04 -8.25 -23.50
N GLY B 25 -3.03 -8.87 -22.31
CA GLY B 25 -3.72 -8.32 -21.17
C GLY B 25 -2.75 -7.73 -20.17
N ALA B 26 -3.09 -7.85 -18.90
CA ALA B 26 -2.34 -7.11 -17.88
C ALA B 26 -0.81 -7.37 -18.05
N GLN B 27 -0.38 -8.63 -18.04
CA GLN B 27 1.02 -8.96 -18.20
C GLN B 27 1.50 -8.87 -19.63
N GLY B 28 0.67 -9.33 -20.59
CA GLY B 28 1.12 -9.28 -21.98
C GLY B 28 1.35 -7.93 -22.58
N ASP B 29 0.49 -7.00 -22.28
CA ASP B 29 0.67 -5.63 -22.64
C ASP B 29 1.97 -5.04 -22.01
N ALA B 30 2.10 -5.12 -20.69
CA ALA B 30 3.33 -4.65 -20.02
C ALA B 30 4.62 -5.31 -20.58
N GLN B 31 4.66 -6.63 -20.66
CA GLN B 31 5.89 -7.34 -20.99
C GLN B 31 6.23 -7.12 -22.47
N ALA B 32 5.24 -7.17 -23.35
CA ALA B 32 5.50 -6.94 -24.79
C ALA B 32 6.05 -5.51 -25.03
N ASN B 33 5.50 -4.50 -24.36
CA ASN B 33 5.95 -3.15 -24.53
C ASN B 33 7.34 -2.89 -23.91
N CYS B 34 7.61 -3.53 -22.77
CA CYS B 34 8.98 -3.41 -22.14
C CYS B 34 10.00 -4.10 -23.03
N LEU B 35 9.67 -5.28 -23.50
CA LEU B 35 10.48 -6.01 -24.46
C LEU B 35 10.77 -5.24 -25.75
N LYS B 36 9.72 -4.71 -26.33
CA LYS B 36 9.88 -3.87 -27.54
C LYS B 36 10.70 -2.62 -27.29
N ASP B 37 10.41 -1.91 -26.21
CA ASP B 37 11.18 -0.72 -25.81
C ASP B 37 12.68 -1.04 -25.63
N SER B 38 13.00 -2.28 -25.26
CA SER B 38 14.40 -2.70 -25.03
C SER B 38 15.01 -3.22 -26.33
N GLY B 39 14.32 -3.09 -27.46
CA GLY B 39 14.88 -3.53 -28.76
C GLY B 39 14.68 -4.97 -29.09
N ILE B 40 13.81 -5.72 -28.36
CA ILE B 40 13.61 -7.11 -28.67
C ILE B 40 12.48 -7.21 -29.72
N ASN B 41 12.58 -8.16 -30.65
N ASN B 41 12.60 -8.24 -30.55
CA ASN B 41 11.50 -8.43 -31.64
CA ASN B 41 11.65 -8.58 -31.59
C ASN B 41 10.40 -9.20 -30.92
C ASN B 41 10.40 -9.27 -30.95
N VAL B 42 9.23 -8.64 -31.01
CA VAL B 42 8.01 -9.19 -30.38
C VAL B 42 6.92 -9.30 -31.44
N VAL B 43 6.24 -10.43 -31.44
CA VAL B 43 4.92 -10.52 -32.11
C VAL B 43 3.87 -10.90 -31.07
N ILE B 44 2.66 -10.41 -31.26
CA ILE B 44 1.56 -10.79 -30.36
C ILE B 44 0.72 -11.90 -30.97
N GLY B 45 0.47 -12.93 -30.19
CA GLY B 45 -0.55 -13.95 -30.50
C GLY B 45 -1.81 -13.58 -29.73
N GLU B 46 -2.89 -13.33 -30.44
CA GLU B 46 -4.15 -12.98 -29.80
C GLU B 46 -5.31 -13.54 -30.60
N THR B 47 -6.49 -13.43 -30.02
CA THR B 47 -7.73 -13.96 -30.63
C THR B 47 -8.63 -12.80 -31.00
N GLU B 48 -8.91 -12.66 -32.30
CA GLU B 48 -9.67 -11.52 -32.79
C GLU B 48 -11.13 -11.41 -32.24
N ILE B 49 -11.79 -12.55 -32.19
CA ILE B 49 -13.16 -12.71 -31.69
C ILE B 49 -13.20 -13.62 -30.53
N LEU B 50 -13.69 -13.11 -29.39
CA LEU B 50 -13.91 -13.90 -28.19
C LEU B 50 -15.30 -13.79 -27.70
N GLY B 51 -15.92 -14.92 -27.40
CA GLY B 51 -17.35 -15.00 -27.05
C GLY B 51 -18.21 -14.22 -28.02
N GLY B 52 -17.92 -14.31 -29.30
CA GLY B 52 -18.80 -13.64 -30.28
C GLY B 52 -18.62 -12.16 -30.38
N ASN B 53 -17.66 -11.53 -29.67
CA ASN B 53 -17.38 -10.12 -29.87
C ASN B 53 -15.96 -9.83 -30.21
N LYS B 54 -15.73 -8.69 -30.83
CA LYS B 54 -14.43 -8.15 -31.05
C LYS B 54 -13.65 -8.13 -29.73
N ASN B 55 -12.43 -8.62 -29.78
CA ASN B 55 -11.59 -8.73 -28.55
C ASN B 55 -10.84 -7.42 -28.44
N PRO B 56 -11.17 -6.59 -27.41
CA PRO B 56 -10.44 -5.35 -27.36
C PRO B 56 -8.89 -5.48 -27.27
N SER B 57 -8.41 -6.57 -26.75
CA SER B 57 -6.97 -6.77 -26.60
C SER B 57 -6.29 -6.96 -27.97
N TRP B 58 -7.02 -7.62 -28.91
CA TRP B 58 -6.54 -7.72 -30.30
C TRP B 58 -6.43 -6.34 -30.96
N GLU B 59 -7.47 -5.52 -30.82
CA GLU B 59 -7.49 -4.20 -31.38
C GLU B 59 -6.39 -3.30 -30.73
N LYS B 60 -6.27 -3.39 -29.41
CA LYS B 60 -5.24 -2.60 -28.70
C LYS B 60 -3.82 -2.95 -29.15
N ALA B 61 -3.53 -4.22 -29.31
CA ALA B 61 -2.18 -4.66 -29.70
C ALA B 61 -1.87 -4.06 -31.07
N LYS B 62 -2.86 -4.04 -31.95
CA LYS B 62 -2.68 -3.48 -33.29
C LYS B 62 -2.41 -2.00 -33.24
N GLU B 63 -3.21 -1.34 -32.45
CA GLU B 63 -3.13 0.07 -32.29
C GLU B 63 -1.85 0.54 -31.64
N ASP B 64 -1.29 -0.32 -30.76
CA ASP B 64 -0.04 -0.08 -30.08
C ASP B 64 1.15 -0.38 -30.96
N GLY B 65 0.96 -0.76 -32.23
CA GLY B 65 2.09 -0.95 -33.15
C GLY B 65 2.73 -2.31 -33.28
N PHE B 66 2.06 -3.38 -32.83
CA PHE B 66 2.61 -4.74 -32.87
C PHE B 66 2.16 -5.39 -34.17
N GLU B 67 3.01 -6.27 -34.68
CA GLU B 67 2.52 -7.41 -35.41
C GLU B 67 1.63 -8.34 -34.55
N VAL B 68 0.34 -8.47 -34.94
CA VAL B 68 -0.69 -9.27 -34.22
C VAL B 68 -1.20 -10.40 -35.10
N LEU B 69 -0.97 -11.62 -34.66
CA LEU B 69 -1.34 -12.85 -35.32
C LEU B 69 -2.27 -13.70 -34.50
N PRO B 70 -3.04 -14.57 -35.16
CA PRO B 70 -3.68 -15.69 -34.48
C PRO B 70 -2.62 -16.47 -33.73
N ILE B 71 -2.99 -17.01 -32.56
CA ILE B 71 -2.06 -17.68 -31.67
C ILE B 71 -1.26 -18.74 -32.37
N ASP B 72 -1.92 -19.52 -33.25
CA ASP B 72 -1.17 -20.57 -33.94
C ASP B 72 -0.05 -20.06 -34.87
N LYS B 73 -0.29 -18.97 -35.59
CA LYS B 73 0.70 -18.33 -36.44
C LYS B 73 1.78 -17.64 -35.63
N ALA B 74 1.38 -17.02 -34.50
CA ALA B 74 2.41 -16.48 -33.60
C ALA B 74 3.36 -17.54 -33.08
N ALA B 75 2.84 -18.70 -32.74
CA ALA B 75 3.63 -19.74 -32.18
C ALA B 75 4.67 -20.17 -33.21
N GLU B 76 4.26 -20.16 -34.50
CA GLU B 76 5.14 -20.68 -35.56
C GLU B 76 6.32 -19.76 -35.61
N LYS B 77 6.03 -18.47 -35.49
CA LYS B 77 6.97 -17.43 -35.65
C LYS B 77 7.93 -17.20 -34.44
N GLY B 78 7.50 -17.55 -33.22
CA GLY B 78 8.26 -17.28 -32.00
C GLY B 78 9.30 -18.23 -31.74
N ASP B 79 10.51 -17.71 -31.41
CA ASP B 79 11.52 -18.59 -30.83
C ASP B 79 11.28 -18.91 -29.32
N VAL B 80 10.73 -17.92 -28.65
CA VAL B 80 10.14 -18.09 -27.33
C VAL B 80 8.60 -17.92 -27.46
N VAL B 81 7.85 -18.89 -26.99
CA VAL B 81 6.38 -18.78 -27.06
C VAL B 81 6.02 -18.50 -25.57
N HIS B 82 5.72 -17.26 -25.31
CA HIS B 82 5.50 -16.78 -23.95
C HIS B 82 3.98 -16.60 -23.63
N ILE B 83 3.51 -17.46 -22.75
CA ILE B 83 2.07 -17.69 -22.55
C ILE B 83 1.64 -16.77 -21.40
N LEU B 84 0.96 -15.70 -21.79
CA LEU B 84 0.44 -14.67 -20.88
C LEU B 84 -1.11 -14.59 -21.04
N LEU B 85 -1.68 -15.76 -21.24
CA LEU B 85 -3.14 -15.96 -21.21
C LEU B 85 -3.59 -16.28 -19.80
N PRO B 86 -4.90 -16.11 -19.51
CA PRO B 86 -5.34 -16.46 -18.13
C PRO B 86 -4.97 -17.87 -17.77
N ASP B 87 -4.55 -18.22 -16.56
CA ASP B 87 -4.12 -19.55 -16.29
C ASP B 87 -5.19 -20.62 -16.66
N GLU B 88 -6.46 -20.28 -16.41
CA GLU B 88 -7.51 -21.27 -16.52
C GLU B 88 -7.73 -21.70 -17.98
N VAL B 89 -7.44 -20.83 -18.93
CA VAL B 89 -7.61 -21.16 -20.35
C VAL B 89 -6.32 -21.62 -21.04
N GLN B 90 -5.16 -21.58 -20.38
CA GLN B 90 -3.96 -21.97 -21.05
C GLN B 90 -3.98 -23.46 -21.49
N PRO B 91 -4.41 -24.40 -20.63
CA PRO B 91 -4.29 -25.76 -21.13
C PRO B 91 -5.02 -26.04 -22.49
N ALA B 92 -6.24 -25.58 -22.63
CA ALA B 92 -6.91 -25.74 -23.94
C ALA B 92 -6.23 -25.03 -25.07
N ILE B 93 -5.84 -23.77 -24.86
CA ILE B 93 -5.24 -23.03 -25.92
C ILE B 93 -3.87 -23.65 -26.27
N TYR B 94 -3.20 -24.13 -25.25
CA TYR B 94 -1.91 -24.74 -25.50
C TYR B 94 -2.17 -26.02 -26.35
N GLU B 95 -3.09 -26.90 -25.91
CA GLU B 95 -3.26 -28.21 -26.62
C GLU B 95 -3.63 -27.92 -28.05
N ASN B 96 -4.50 -26.96 -28.25
CA ASN B 96 -5.13 -26.78 -29.51
C ASN B 96 -4.43 -25.84 -30.45
N GLN B 97 -3.81 -24.77 -29.95
CA GLN B 97 -3.30 -23.75 -30.83
C GLN B 97 -1.78 -23.59 -30.81
N ILE B 98 -1.15 -24.13 -29.80
CA ILE B 98 0.30 -23.96 -29.60
C ILE B 98 1.05 -25.22 -29.83
N LYS B 99 0.68 -26.25 -29.14
CA LYS B 99 1.40 -27.50 -29.23
C LYS B 99 1.72 -28.00 -30.66
N PRO B 100 0.78 -27.89 -31.62
CA PRO B 100 1.07 -28.44 -32.96
C PRO B 100 2.14 -27.62 -33.69
N GLN B 101 2.41 -26.41 -33.21
N GLN B 101 2.42 -26.42 -33.22
CA GLN B 101 3.43 -25.57 -33.77
CA GLN B 101 3.44 -25.57 -33.78
C GLN B 101 4.79 -25.66 -33.04
C GLN B 101 4.76 -25.58 -32.99
N LEU B 102 4.89 -26.43 -31.97
CA LEU B 102 6.17 -26.52 -31.25
C LEU B 102 7.16 -27.36 -32.07
N LYS B 103 8.44 -27.10 -31.86
CA LYS B 103 9.49 -27.72 -32.66
C LYS B 103 10.64 -27.66 -31.70
N ALA B 104 11.52 -28.65 -31.78
CA ALA B 104 12.79 -28.65 -31.06
C ALA B 104 13.47 -27.34 -31.27
N GLY B 105 14.07 -26.81 -30.21
CA GLY B 105 14.68 -25.49 -30.28
C GLY B 105 13.79 -24.28 -30.00
N LYS B 106 12.51 -24.48 -29.75
CA LYS B 106 11.68 -23.35 -29.22
C LYS B 106 11.75 -23.40 -27.69
N ALA B 107 11.51 -22.26 -27.05
CA ALA B 107 11.30 -22.30 -25.60
C ALA B 107 9.79 -21.98 -25.31
N LEU B 108 9.23 -22.75 -24.42
CA LEU B 108 7.86 -22.43 -23.92
C LEU B 108 8.06 -21.66 -22.60
N CYS B 109 7.53 -20.46 -22.53
CA CYS B 109 7.75 -19.61 -21.37
C CYS B 109 6.39 -19.27 -20.68
N PHE B 110 6.44 -19.02 -19.37
CA PHE B 110 5.23 -18.64 -18.56
C PHE B 110 5.64 -17.52 -17.63
N SER B 111 4.65 -16.83 -17.08
CA SER B 111 4.91 -15.95 -15.94
C SER B 111 4.27 -16.36 -14.61
N HIS B 112 3.75 -17.58 -14.54
CA HIS B 112 3.31 -18.23 -13.34
C HIS B 112 3.42 -19.71 -13.54
N GLY B 113 3.84 -20.37 -12.52
CA GLY B 113 4.18 -21.83 -12.57
C GLY B 113 3.00 -22.77 -12.54
N PHE B 114 1.78 -22.24 -12.34
CA PHE B 114 0.57 -23.09 -12.06
C PHE B 114 0.37 -24.26 -13.00
N ASN B 115 0.32 -24.02 -14.30
CA ASN B 115 -0.09 -25.09 -15.26
C ASN B 115 1.00 -26.16 -15.42
N ILE B 116 2.29 -25.74 -15.35
CA ILE B 116 3.38 -26.78 -15.30
C ILE B 116 3.45 -27.47 -13.99
N CYS B 117 3.36 -26.72 -12.87
CA CYS B 117 3.45 -27.30 -11.54
C CYS B 117 2.43 -28.39 -11.31
N PHE B 118 1.20 -28.08 -11.66
CA PHE B 118 0.11 -29.00 -11.39
C PHE B 118 -0.17 -29.91 -12.60
N LYS B 119 0.74 -29.97 -13.58
CA LYS B 119 0.68 -30.95 -14.68
C LYS B 119 -0.58 -30.80 -15.54
N ARG B 120 -1.06 -29.57 -15.66
CA ARG B 120 -2.17 -29.30 -16.56
C ARG B 120 -1.66 -29.10 -17.97
N ILE B 121 -0.38 -28.74 -18.10
CA ILE B 121 0.32 -28.70 -19.38
C ILE B 121 1.59 -29.53 -19.20
N VAL B 122 1.83 -30.50 -20.11
CA VAL B 122 3.01 -31.36 -20.04
C VAL B 122 3.64 -31.19 -21.42
N PRO B 123 4.69 -30.35 -21.53
CA PRO B 123 5.26 -30.07 -22.81
C PRO B 123 6.07 -31.27 -23.38
N PRO B 124 6.38 -31.20 -24.66
CA PRO B 124 7.21 -32.20 -25.26
C PRO B 124 8.64 -32.09 -24.70
N GLU B 125 9.39 -33.16 -24.82
CA GLU B 125 10.73 -33.27 -24.20
C GLU B 125 11.72 -32.35 -24.83
N ASP B 126 11.52 -32.00 -26.07
CA ASP B 126 12.57 -31.33 -26.88
C ASP B 126 12.38 -29.86 -26.99
N VAL B 127 11.52 -29.31 -26.09
CA VAL B 127 11.42 -27.84 -25.98
C VAL B 127 11.90 -27.44 -24.59
N ASP B 128 12.58 -26.32 -24.57
CA ASP B 128 12.92 -25.65 -23.30
C ASP B 128 11.58 -25.19 -22.65
N VAL B 129 11.56 -25.19 -21.33
CA VAL B 129 10.36 -24.77 -20.58
C VAL B 129 10.94 -23.92 -19.42
N ILE B 130 10.55 -22.67 -19.46
CA ILE B 130 11.04 -21.63 -18.58
C ILE B 130 9.94 -20.71 -18.07
N MET B 131 10.27 -20.05 -16.96
CA MET B 131 9.37 -19.13 -16.31
C MET B 131 10.07 -17.84 -15.95
N VAL B 132 9.47 -16.72 -16.30
CA VAL B 132 9.88 -15.45 -15.84
C VAL B 132 8.66 -14.81 -15.16
N ALA B 133 8.67 -14.77 -13.83
CA ALA B 133 7.45 -14.40 -13.08
C ALA B 133 7.70 -13.12 -12.36
N PRO B 134 7.02 -12.04 -12.77
CA PRO B 134 7.14 -10.78 -12.09
C PRO B 134 6.34 -10.78 -10.80
N LYS B 135 6.89 -10.27 -9.72
CA LYS B 135 6.16 -10.08 -8.46
C LYS B 135 5.48 -8.71 -8.48
N ALA B 136 4.54 -8.55 -9.44
CA ALA B 136 3.92 -7.27 -9.69
C ALA B 136 2.70 -7.40 -10.56
N PRO B 137 1.71 -6.54 -10.32
CA PRO B 137 0.66 -6.37 -11.29
C PRO B 137 1.16 -5.72 -12.56
N GLY B 138 0.58 -6.12 -13.71
CA GLY B 138 1.20 -5.68 -14.97
C GLY B 138 1.20 -4.18 -15.20
N THR B 139 0.15 -3.46 -14.79
CA THR B 139 0.11 -2.03 -14.98
C THR B 139 1.33 -1.35 -14.22
N GLU B 140 1.60 -1.82 -13.02
CA GLU B 140 2.62 -1.18 -12.19
C GLU B 140 4.02 -1.59 -12.62
N GLU B 141 4.16 -2.81 -13.13
CA GLU B 141 5.35 -3.32 -13.78
C GLU B 141 5.75 -2.38 -14.95
N ARG B 142 4.76 -2.01 -15.79
CA ARG B 142 5.08 -1.16 -16.95
C ARG B 142 5.54 0.21 -16.47
N LYS B 143 4.87 0.76 -15.47
N LYS B 143 4.85 0.73 -15.44
CA LYS B 143 5.25 2.11 -14.99
CA LYS B 143 5.14 2.06 -14.85
C LYS B 143 6.65 2.07 -14.38
C LYS B 143 6.56 2.10 -14.29
N ALA B 144 6.95 1.02 -13.61
CA ALA B 144 8.33 0.88 -13.05
C ALA B 144 9.42 0.91 -14.14
N TYR B 145 9.20 0.18 -15.24
CA TYR B 145 10.07 0.18 -16.39
C TYR B 145 10.14 1.59 -16.95
N LEU B 146 9.01 2.25 -17.13
CA LEU B 146 9.03 3.62 -17.69
C LEU B 146 9.70 4.63 -16.74
N GLU B 147 9.70 4.37 -15.46
CA GLU B 147 10.36 5.29 -14.53
C GLU B 147 11.84 5.03 -14.42
N GLY B 148 12.40 4.06 -15.12
CA GLY B 148 13.81 3.74 -15.01
C GLY B 148 14.14 2.72 -13.92
N PHE B 149 13.13 2.05 -13.37
CA PHE B 149 13.36 0.99 -12.41
C PHE B 149 12.80 -0.33 -13.01
N GLY B 150 12.18 -1.18 -12.18
CA GLY B 150 11.74 -2.48 -12.59
C GLY B 150 11.03 -3.11 -11.39
N VAL B 151 10.49 -4.30 -11.60
CA VAL B 151 9.90 -5.08 -10.54
C VAL B 151 10.67 -6.34 -10.27
N PRO B 152 10.57 -6.84 -9.07
CA PRO B 152 11.25 -8.09 -8.83
C PRO B 152 10.68 -9.26 -9.58
N GLY B 153 11.53 -10.27 -9.76
CA GLY B 153 11.12 -11.45 -10.51
C GLY B 153 11.72 -12.75 -10.06
N LEU B 154 11.05 -13.84 -10.40
CA LEU B 154 11.49 -15.16 -10.09
C LEU B 154 11.69 -15.88 -11.44
N VAL B 155 12.78 -16.63 -11.55
CA VAL B 155 13.10 -17.33 -12.81
C VAL B 155 13.33 -18.79 -12.57
N ALA B 156 12.70 -19.62 -13.40
CA ALA B 156 12.74 -21.06 -13.26
C ALA B 156 12.91 -21.73 -14.61
N VAL B 157 13.52 -22.90 -14.56
CA VAL B 157 13.79 -23.70 -15.76
C VAL B 157 13.36 -25.10 -15.42
N LYS B 158 12.35 -25.59 -16.14
CA LYS B 158 11.87 -26.95 -15.95
C LYS B 158 12.52 -27.90 -16.95
N GLN B 159 12.75 -27.45 -18.18
CA GLN B 159 13.42 -28.27 -19.21
C GLN B 159 14.43 -27.45 -19.93
N ASN B 160 15.56 -28.10 -20.23
CA ASN B 160 16.67 -27.40 -20.84
C ASN B 160 17.32 -28.28 -21.97
N PRO B 161 16.55 -28.81 -22.94
CA PRO B 161 17.24 -29.63 -23.94
C PRO B 161 18.15 -28.79 -24.88
N SER B 162 17.92 -27.49 -25.03
CA SER B 162 18.77 -26.61 -25.81
C SER B 162 20.14 -26.37 -25.11
N GLY B 163 20.28 -26.59 -23.81
CA GLY B 163 21.35 -25.96 -23.05
C GLY B 163 21.30 -24.49 -22.76
N GLU B 164 20.39 -23.74 -23.37
CA GLU B 164 20.37 -22.27 -23.28
C GLU B 164 19.15 -21.72 -22.49
N ALA B 165 18.38 -22.60 -21.88
CA ALA B 165 17.03 -22.19 -21.37
C ALA B 165 17.21 -21.11 -20.26
N ARG B 166 18.13 -21.35 -19.34
CA ARG B 166 18.35 -20.41 -18.24
C ARG B 166 18.82 -19.10 -18.75
N GLU B 167 19.76 -19.09 -19.72
CA GLU B 167 20.27 -17.86 -20.24
C GLU B 167 19.25 -17.04 -20.96
N VAL B 168 18.37 -17.73 -21.73
CA VAL B 168 17.26 -17.04 -22.37
C VAL B 168 16.33 -16.39 -21.31
N ALA B 169 15.95 -17.16 -20.32
CA ALA B 169 14.96 -16.69 -19.30
C ALA B 169 15.54 -15.47 -18.56
N LEU B 170 16.82 -15.60 -18.11
CA LEU B 170 17.41 -14.43 -17.48
C LEU B 170 17.53 -13.24 -18.35
N ALA B 171 17.90 -13.45 -19.64
CA ALA B 171 18.00 -12.38 -20.55
C ALA B 171 16.70 -11.63 -20.73
N MET B 172 15.61 -12.39 -20.82
CA MET B 172 14.33 -11.69 -20.86
C MET B 172 14.10 -10.79 -19.64
N THR B 173 14.43 -11.28 -18.48
CA THR B 173 14.22 -10.43 -17.27
C THR B 173 15.03 -9.15 -17.30
N LYS B 174 16.25 -9.28 -17.82
CA LYS B 174 17.12 -8.11 -17.97
C LYS B 174 16.59 -7.08 -18.98
N ALA B 175 16.12 -7.58 -20.12
CA ALA B 175 15.46 -6.77 -21.15
C ALA B 175 14.23 -6.06 -20.59
N MET B 176 13.50 -6.76 -19.70
CA MET B 176 12.31 -6.14 -19.03
C MET B 176 12.63 -5.31 -17.80
N HIS B 177 13.97 -5.23 -17.52
CA HIS B 177 14.49 -4.38 -16.41
C HIS B 177 14.14 -4.86 -15.03
N TRP B 178 13.60 -6.10 -14.91
CA TRP B 178 13.32 -6.67 -13.59
C TRP B 178 14.56 -6.87 -12.71
N THR B 179 15.69 -7.08 -13.38
CA THR B 179 16.99 -7.12 -12.70
C THR B 179 17.38 -5.88 -11.94
N LYS B 180 16.77 -4.75 -12.26
CA LYS B 180 17.03 -3.50 -11.55
C LYS B 180 16.50 -3.59 -10.11
N ALA B 181 15.40 -4.37 -9.90
CA ALA B 181 14.90 -4.64 -8.58
C ALA B 181 15.52 -5.87 -8.02
N GLY B 182 15.60 -6.91 -8.81
CA GLY B 182 16.23 -8.14 -8.43
C GLY B 182 15.53 -9.40 -8.89
N ILE B 183 16.32 -10.41 -9.25
CA ILE B 183 15.82 -11.70 -9.72
C ILE B 183 16.26 -12.79 -8.75
N LEU B 184 15.37 -13.70 -8.43
CA LEU B 184 15.65 -14.89 -7.63
C LEU B 184 15.44 -16.08 -8.51
N GLU B 185 16.36 -17.03 -8.48
CA GLU B 185 16.18 -18.27 -9.25
C GLU B 185 15.50 -19.29 -8.37
N CYS B 186 14.57 -20.05 -8.91
CA CYS B 186 13.78 -20.96 -8.11
C CYS B 186 13.23 -22.06 -9.00
N THR B 187 12.39 -22.95 -8.48
CA THR B 187 11.72 -23.95 -9.31
C THR B 187 10.27 -23.46 -9.66
N PHE B 188 9.70 -24.06 -10.70
CA PHE B 188 8.31 -23.81 -11.10
C PHE B 188 7.38 -23.99 -9.89
N GLU B 189 7.61 -25.03 -9.06
CA GLU B 189 6.74 -25.38 -7.97
C GLU B 189 6.84 -24.31 -6.88
N GLN B 190 8.06 -23.89 -6.57
CA GLN B 190 8.24 -22.89 -5.57
C GLN B 190 7.51 -21.61 -5.87
N GLU B 191 7.67 -21.13 -7.08
CA GLU B 191 7.03 -19.87 -7.48
C GLU B 191 5.51 -20.07 -7.37
N THR B 192 5.05 -21.20 -7.88
CA THR B 192 3.56 -21.47 -7.88
C THR B 192 3.00 -21.32 -6.47
N TYR B 193 3.58 -22.03 -5.51
CA TYR B 193 3.10 -22.04 -4.15
C TYR B 193 3.19 -20.69 -3.44
N GLU B 194 4.35 -20.02 -3.54
CA GLU B 194 4.50 -18.74 -2.85
C GLU B 194 3.53 -17.72 -3.43
N ASP B 195 3.37 -17.74 -4.78
CA ASP B 195 2.59 -16.77 -5.44
C ASP B 195 1.07 -16.90 -5.13
N LEU B 196 0.59 -18.15 -5.20
CA LEU B 196 -0.80 -18.44 -4.79
C LEU B 196 -1.04 -18.01 -3.33
N PHE B 197 -0.11 -18.40 -2.49
CA PHE B 197 -0.17 -18.04 -1.08
C PHE B 197 -0.27 -16.51 -0.89
N GLY B 198 0.67 -15.77 -1.51
CA GLY B 198 0.75 -14.34 -1.24
C GLY B 198 -0.53 -13.63 -1.70
N GLU B 199 -1.03 -13.99 -2.90
CA GLU B 199 -2.16 -13.27 -3.40
C GLU B 199 -3.39 -13.58 -2.55
N GLN B 200 -3.52 -14.80 -2.09
CA GLN B 200 -4.67 -15.23 -1.35
C GLN B 200 -4.68 -14.62 0.05
N CYS B 201 -3.52 -14.69 0.72
CA CYS B 201 -3.41 -14.46 2.15
C CYS B 201 -2.96 -13.07 2.56
N VAL B 202 -2.25 -12.39 1.65
CA VAL B 202 -1.56 -11.17 1.98
C VAL B 202 -1.96 -10.00 1.06
N LEU B 203 -1.60 -10.08 -0.23
CA LEU B 203 -1.71 -9.01 -1.16
C LEU B 203 -3.14 -8.68 -1.58
N CYS B 204 -3.97 -9.71 -1.83
CA CYS B 204 -5.34 -9.49 -2.38
C CYS B 204 -6.40 -9.92 -1.37
N GLY B 205 -6.44 -11.20 -0.98
CA GLY B 205 -7.35 -11.67 0.01
C GLY B 205 -7.19 -11.02 1.36
N GLY B 206 -5.95 -11.03 1.84
CA GLY B 206 -5.65 -10.47 3.16
C GLY B 206 -5.90 -8.95 3.22
N LEU B 207 -5.34 -8.24 2.26
CA LEU B 207 -5.43 -6.78 2.23
C LEU B 207 -6.89 -6.34 2.15
N VAL B 208 -7.63 -6.93 1.21
CA VAL B 208 -9.00 -6.48 0.97
C VAL B 208 -9.91 -6.76 2.13
N GLU B 209 -9.79 -7.95 2.72
CA GLU B 209 -10.56 -8.31 3.89
C GLU B 209 -10.17 -7.47 5.10
N LEU B 210 -8.89 -7.11 5.23
CA LEU B 210 -8.50 -6.25 6.34
C LEU B 210 -9.18 -4.87 6.19
N MET B 211 -9.06 -4.26 5.03
CA MET B 211 -9.62 -2.92 4.85
C MET B 211 -11.15 -2.95 4.95
N ARG B 212 -11.77 -3.98 4.37
N ARG B 212 -11.78 -3.97 4.40
CA ARG B 212 -13.25 -4.08 4.33
CA ARG B 212 -13.24 -3.98 4.38
C ARG B 212 -13.81 -4.24 5.75
C ARG B 212 -13.84 -4.25 5.77
N ASN B 213 -13.19 -5.12 6.55
CA ASN B 213 -13.61 -5.33 7.92
C ASN B 213 -13.46 -4.09 8.78
N GLY B 214 -12.33 -3.39 8.64
CA GLY B 214 -12.14 -2.15 9.35
C GLY B 214 -13.21 -1.09 8.99
N PHE B 215 -13.44 -0.94 7.72
CA PHE B 215 -14.40 -0.02 7.18
C PHE B 215 -15.80 -0.33 7.76
N GLU B 216 -16.15 -1.60 7.75
CA GLU B 216 -17.48 -2.05 8.26
C GLU B 216 -17.61 -1.72 9.73
N VAL B 217 -16.57 -1.96 10.52
CA VAL B 217 -16.61 -1.76 11.97
C VAL B 217 -16.88 -0.30 12.25
N LEU B 218 -16.20 0.58 11.51
CA LEU B 218 -16.44 2.03 11.70
C LEU B 218 -17.90 2.42 11.32
N VAL B 219 -18.30 2.06 10.11
CA VAL B 219 -19.66 2.41 9.62
C VAL B 219 -20.73 1.83 10.54
N GLU B 220 -20.55 0.62 11.04
CA GLU B 220 -21.59 -0.02 11.88
C GLU B 220 -21.58 0.65 13.23
N ALA B 221 -20.48 1.23 13.63
CA ALA B 221 -20.45 2.02 14.89
C ALA B 221 -20.94 3.45 14.71
N GLY B 222 -21.38 3.81 13.52
CA GLY B 222 -21.92 5.14 13.35
C GLY B 222 -21.02 6.18 12.76
N TYR B 223 -19.79 5.82 12.41
CA TYR B 223 -18.91 6.75 11.70
C TYR B 223 -19.33 6.88 10.23
N PRO B 224 -19.21 8.06 9.67
CA PRO B 224 -19.57 8.23 8.25
C PRO B 224 -18.73 7.37 7.33
N PRO B 225 -19.36 6.80 6.34
CA PRO B 225 -18.59 6.01 5.42
C PRO B 225 -17.45 6.75 4.73
N GLU B 226 -17.60 8.06 4.46
CA GLU B 226 -16.53 8.79 3.83
C GLU B 226 -15.28 8.79 4.73
N MET B 227 -15.55 8.90 6.02
CA MET B 227 -14.50 8.96 7.02
C MET B 227 -13.82 7.60 7.11
N ALA B 228 -14.63 6.55 7.10
CA ALA B 228 -14.09 5.16 7.11
C ALA B 228 -13.21 4.91 5.84
N TYR B 229 -13.64 5.45 4.69
CA TYR B 229 -12.92 5.30 3.43
C TYR B 229 -11.54 5.99 3.54
N PHE B 230 -11.53 7.24 3.98
CA PHE B 230 -10.29 7.96 4.12
C PHE B 230 -9.30 7.25 5.10
N GLU B 231 -9.81 6.77 6.21
CA GLU B 231 -9.01 6.14 7.24
C GLU B 231 -8.49 4.77 6.82
N CYS B 232 -9.36 3.93 6.22
CA CYS B 232 -9.08 2.52 6.03
C CYS B 232 -8.51 2.23 4.67
N VAL B 233 -8.78 3.07 3.70
CA VAL B 233 -8.49 2.78 2.29
C VAL B 233 -7.55 3.82 1.76
N HIS B 234 -7.97 5.07 1.68
CA HIS B 234 -7.13 6.06 1.04
C HIS B 234 -5.72 6.18 1.73
N GLU B 235 -5.72 6.20 3.04
CA GLU B 235 -4.47 6.38 3.75
C GLU B 235 -3.57 5.12 3.67
N MET B 236 -4.12 3.95 3.33
CA MET B 236 -3.31 2.75 3.27
C MET B 236 -2.12 2.91 2.30
N LYS B 237 -2.38 3.57 1.15
CA LYS B 237 -1.37 3.77 0.12
C LYS B 237 -0.20 4.59 0.68
N LEU B 238 -0.53 5.63 1.44
CA LEU B 238 0.46 6.53 1.99
C LEU B 238 1.35 5.83 3.04
N ILE B 239 0.76 4.95 3.85
CA ILE B 239 1.51 4.19 4.84
C ILE B 239 2.33 3.10 4.17
N VAL B 240 1.72 2.36 3.25
CA VAL B 240 2.47 1.36 2.55
C VAL B 240 3.70 1.91 1.77
N ASP B 241 3.58 3.14 1.20
CA ASP B 241 4.70 3.74 0.48
C ASP B 241 5.91 3.89 1.39
N LEU B 242 5.67 4.18 2.67
CA LEU B 242 6.80 4.37 3.62
C LEU B 242 7.48 3.05 3.85
N VAL B 243 6.72 1.96 4.00
CA VAL B 243 7.30 0.60 4.19
C VAL B 243 8.09 0.17 2.91
N TRP B 244 7.52 0.39 1.74
CA TRP B 244 8.13 0.06 0.50
C TRP B 244 9.55 0.79 0.38
N GLN B 245 9.60 2.05 0.84
CA GLN B 245 10.82 2.90 0.76
C GLN B 245 11.85 2.47 1.81
N GLY B 246 11.44 2.24 3.04
CA GLY B 246 12.38 2.10 4.19
C GLY B 246 12.03 1.09 5.23
N GLY B 247 11.12 0.17 4.89
CA GLY B 247 10.67 -0.86 5.78
C GLY B 247 9.76 -0.35 6.91
N ILE B 248 9.46 -1.23 7.83
CA ILE B 248 8.70 -0.87 9.01
C ILE B 248 9.43 0.22 9.76
N LYS B 249 10.78 0.17 9.75
CA LYS B 249 11.54 1.14 10.44
C LYS B 249 11.18 2.59 10.00
N ARG B 250 11.19 2.82 8.69
N ARG B 250 11.19 2.83 8.68
CA ARG B 250 10.87 4.14 8.16
CA ARG B 250 10.88 4.16 8.15
C ARG B 250 9.42 4.52 8.50
C ARG B 250 9.42 4.54 8.48
N MET B 251 8.50 3.61 8.25
CA MET B 251 7.08 3.89 8.57
C MET B 251 6.88 4.26 10.06
N ALA B 252 7.55 3.49 10.94
CA ALA B 252 7.40 3.70 12.39
C ALA B 252 7.99 5.04 12.88
N GLU B 253 8.99 5.52 12.16
CA GLU B 253 9.66 6.82 12.43
C GLU B 253 8.70 7.96 12.12
N VAL B 254 7.90 7.81 11.07
CA VAL B 254 7.12 8.95 10.53
C VAL B 254 5.77 9.07 11.25
N ILE B 255 5.17 7.93 11.56
CA ILE B 255 3.87 7.96 12.25
C ILE B 255 4.11 8.47 13.68
N SER B 256 3.05 8.87 14.33
CA SER B 256 3.20 9.36 15.69
C SER B 256 3.66 8.31 16.64
N ASN B 257 4.21 8.74 17.78
CA ASN B 257 4.49 7.77 18.85
C ASN B 257 3.20 7.10 19.34
N THR B 258 2.08 7.84 19.36
CA THR B 258 0.82 7.28 19.72
C THR B 258 0.45 6.09 18.82
N ALA B 259 0.59 6.30 17.51
CA ALA B 259 0.28 5.28 16.51
C ALA B 259 1.25 4.11 16.60
N GLU B 260 2.50 4.41 16.84
CA GLU B 260 3.53 3.33 16.89
C GLU B 260 3.24 2.43 18.09
N TYR B 261 2.96 3.03 19.26
CA TYR B 261 2.49 2.29 20.37
C TYR B 261 1.25 1.46 20.05
N GLY B 262 0.28 2.10 19.42
CA GLY B 262 -0.94 1.35 19.05
C GLY B 262 -0.65 0.18 18.13
N MET B 263 0.25 0.38 17.22
CA MET B 263 0.63 -0.64 16.26
C MET B 263 1.09 -1.91 16.99
N TRP B 264 1.99 -1.69 17.97
CA TRP B 264 2.56 -2.82 18.69
C TRP B 264 1.69 -3.33 19.77
N ALA B 265 0.88 -2.48 20.40
CA ALA B 265 0.04 -2.91 21.51
C ALA B 265 -1.19 -3.65 21.02
N VAL B 266 -1.75 -3.19 19.90
CA VAL B 266 -3.04 -3.64 19.46
C VAL B 266 -3.02 -4.45 18.15
N GLY B 267 -2.11 -4.18 17.24
CA GLY B 267 -2.13 -4.84 15.95
C GLY B 267 -2.21 -6.38 16.03
N HIS B 268 -1.40 -6.93 16.91
CA HIS B 268 -1.32 -8.43 17.12
C HIS B 268 -2.55 -8.98 17.81
N GLN B 269 -3.33 -8.09 18.41
CA GLN B 269 -4.63 -8.51 19.00
C GLN B 269 -5.67 -8.67 17.90
N ILE B 270 -5.47 -7.94 16.81
CA ILE B 270 -6.36 -8.03 15.67
C ILE B 270 -5.96 -9.17 14.74
N ILE B 271 -4.70 -9.24 14.43
CA ILE B 271 -4.12 -10.22 13.50
C ILE B 271 -3.14 -11.02 14.36
N GLY B 272 -3.68 -12.06 14.93
CA GLY B 272 -2.91 -12.84 15.87
C GLY B 272 -2.62 -14.27 15.40
N PRO B 273 -2.27 -15.13 16.35
CA PRO B 273 -1.94 -16.52 16.07
C PRO B 273 -2.91 -17.25 15.23
N GLU B 274 -4.19 -17.05 15.45
CA GLU B 274 -5.20 -17.72 14.65
C GLU B 274 -5.08 -17.40 13.18
N VAL B 275 -4.83 -16.12 12.87
CA VAL B 275 -4.56 -15.78 11.47
C VAL B 275 -3.37 -16.53 10.90
N LYS B 276 -2.28 -16.56 11.67
CA LYS B 276 -1.07 -17.28 11.19
C LYS B 276 -1.34 -18.75 10.93
N GLU B 277 -2.17 -19.37 11.79
N GLU B 277 -2.14 -19.34 11.84
CA GLU B 277 -2.55 -20.78 11.55
CA GLU B 277 -2.64 -20.72 11.66
C GLU B 277 -3.47 -21.01 10.35
C GLU B 277 -3.32 -20.88 10.34
N LYS B 278 -4.34 -20.02 10.10
CA LYS B 278 -5.14 -20.08 8.92
C LYS B 278 -4.29 -19.91 7.65
N MET B 279 -3.26 -19.07 7.77
CA MET B 279 -2.31 -18.90 6.66
C MET B 279 -1.60 -20.23 6.37
N LYS B 280 -1.15 -20.91 7.42
CA LYS B 280 -0.49 -22.22 7.27
C LYS B 280 -1.38 -23.19 6.56
N GLU B 281 -2.69 -23.22 6.93
CA GLU B 281 -3.62 -24.15 6.34
C GLU B 281 -3.83 -23.84 4.86
N ALA B 282 -3.95 -22.53 4.52
CA ALA B 282 -4.04 -22.13 3.14
C ALA B 282 -2.80 -22.49 2.34
N LEU B 283 -1.64 -22.30 2.95
CA LEU B 283 -0.42 -22.68 2.24
C LEU B 283 -0.40 -24.19 1.97
N LYS B 284 -0.80 -24.98 2.97
CA LYS B 284 -0.91 -26.46 2.75
C LYS B 284 -1.81 -26.82 1.57
N ARG B 285 -2.98 -26.18 1.49
N ARG B 285 -2.96 -26.16 1.48
CA ARG B 285 -3.88 -26.41 0.41
CA ARG B 285 -3.89 -26.43 0.42
C ARG B 285 -3.38 -25.97 -0.97
C ARG B 285 -3.41 -25.94 -0.97
N VAL B 286 -2.52 -24.94 -0.99
CA VAL B 286 -1.76 -24.57 -2.16
C VAL B 286 -0.73 -25.64 -2.57
N GLU B 287 0.04 -26.06 -1.61
CA GLU B 287 1.12 -27.00 -1.86
C GLU B 287 0.60 -28.39 -2.26
N ASN B 288 -0.55 -28.80 -1.72
CA ASN B 288 -0.93 -30.22 -1.86
C ASN B 288 -1.88 -30.45 -3.07
N GLY B 289 -2.18 -29.41 -3.82
CA GLY B 289 -3.09 -29.48 -5.00
C GLY B 289 -4.57 -29.25 -4.75
N GLU B 290 -5.00 -29.08 -3.48
CA GLU B 290 -6.44 -28.95 -3.17
C GLU B 290 -6.98 -27.65 -3.77
N PHE B 291 -6.27 -26.54 -3.51
CA PHE B 291 -6.66 -25.26 -4.10
C PHE B 291 -6.66 -25.28 -5.65
N ALA B 292 -5.62 -25.89 -6.25
CA ALA B 292 -5.58 -26.00 -7.70
C ALA B 292 -6.80 -26.79 -8.23
N ASN B 293 -7.07 -27.91 -7.64
CA ASN B 293 -8.27 -28.70 -8.04
C ASN B 293 -9.54 -27.86 -7.95
N GLU B 294 -9.65 -27.06 -6.90
CA GLU B 294 -10.81 -26.17 -6.75
C GLU B 294 -10.94 -25.14 -7.81
N TRP B 295 -9.83 -24.47 -8.16
CA TRP B 295 -9.87 -23.50 -9.19
C TRP B 295 -10.13 -24.11 -10.56
N VAL B 296 -9.55 -25.30 -10.85
CA VAL B 296 -9.78 -25.94 -12.17
C VAL B 296 -11.32 -26.30 -12.27
N ASP B 297 -11.83 -26.82 -11.18
CA ASP B 297 -13.29 -27.26 -11.16
C ASP B 297 -14.16 -26.01 -11.27
N GLU B 298 -13.79 -24.94 -10.57
CA GLU B 298 -14.53 -23.65 -10.72
C GLU B 298 -14.62 -23.17 -12.14
N TYR B 299 -13.48 -23.19 -12.83
CA TYR B 299 -13.48 -22.79 -14.22
C TYR B 299 -14.36 -23.76 -15.09
N LYS B 300 -14.25 -25.07 -14.84
CA LYS B 300 -15.00 -26.07 -15.59
C LYS B 300 -16.50 -25.81 -15.43
N ARG B 301 -16.89 -25.38 -14.23
CA ARG B 301 -18.34 -25.07 -13.94
C ARG B 301 -18.74 -23.65 -14.35
N GLY B 302 -17.92 -22.92 -15.16
CA GLY B 302 -18.38 -21.63 -15.65
C GLY B 302 -18.23 -20.47 -14.65
N ILE B 303 -17.24 -20.60 -13.76
CA ILE B 303 -16.90 -19.63 -12.71
C ILE B 303 -18.06 -18.93 -11.98
N PRO B 304 -19.06 -19.72 -11.54
CA PRO B 304 -20.19 -19.04 -10.88
C PRO B 304 -19.83 -18.30 -9.54
N PHE B 305 -18.89 -18.83 -8.78
CA PHE B 305 -18.43 -18.17 -7.53
C PHE B 305 -17.73 -16.87 -7.85
N LEU B 306 -16.84 -16.93 -8.81
CA LEU B 306 -16.14 -15.71 -9.22
C LEU B 306 -17.08 -14.67 -9.77
N LYS B 307 -18.03 -15.08 -10.64
CA LYS B 307 -19.02 -14.15 -11.16
C LYS B 307 -19.88 -13.48 -10.03
N ALA B 308 -20.34 -14.29 -9.09
CA ALA B 308 -21.19 -13.79 -8.00
C ALA B 308 -20.38 -12.87 -7.09
N SER B 309 -19.10 -13.25 -6.84
CA SER B 309 -18.24 -12.40 -5.98
C SER B 309 -17.96 -11.05 -6.63
N ARG B 310 -17.77 -11.04 -7.94
CA ARG B 310 -17.59 -9.74 -8.61
C ARG B 310 -18.78 -8.82 -8.46
N GLU B 311 -19.98 -9.38 -8.67
CA GLU B 311 -21.21 -8.60 -8.50
C GLU B 311 -21.36 -8.13 -7.08
N LYS B 312 -21.12 -8.98 -6.11
CA LYS B 312 -21.24 -8.55 -4.74
C LYS B 312 -20.22 -7.46 -4.33
N MET B 313 -18.99 -7.60 -4.82
CA MET B 313 -17.85 -6.62 -4.58
C MET B 313 -18.33 -5.21 -4.90
N GLY B 314 -18.91 -5.03 -6.10
CA GLY B 314 -19.33 -3.75 -6.58
C GLY B 314 -20.48 -3.13 -5.80
N GLU B 315 -21.22 -3.92 -5.05
CA GLU B 315 -22.33 -3.41 -4.25
C GLU B 315 -21.88 -2.89 -2.92
N HIS B 316 -20.65 -3.20 -2.51
CA HIS B 316 -20.25 -2.86 -1.14
C HIS B 316 -20.07 -1.36 -1.04
N GLN B 317 -20.48 -0.81 0.09
CA GLN B 317 -20.36 0.56 0.32
C GLN B 317 -18.93 1.11 0.21
N VAL B 318 -17.93 0.27 0.51
CA VAL B 318 -16.55 0.79 0.37
C VAL B 318 -16.30 1.13 -1.11
N GLU B 319 -16.94 0.35 -2.03
CA GLU B 319 -16.72 0.59 -3.42
C GLU B 319 -17.59 1.74 -3.97
N THR B 320 -18.85 1.81 -3.56
CA THR B 320 -19.69 2.92 -4.03
C THR B 320 -19.30 4.27 -3.47
N VAL B 321 -19.00 4.33 -2.16
CA VAL B 321 -18.55 5.58 -1.56
C VAL B 321 -17.14 5.92 -2.04
N GLY B 322 -16.29 4.91 -2.18
CA GLY B 322 -14.94 5.23 -2.73
C GLY B 322 -14.96 5.80 -4.12
N ALA B 323 -15.79 5.24 -4.97
CA ALA B 323 -15.88 5.72 -6.34
C ALA B 323 -16.37 7.18 -6.32
N GLU B 324 -17.30 7.53 -5.43
CA GLU B 324 -17.87 8.92 -5.37
C GLU B 324 -16.78 9.87 -4.89
N ILE B 325 -16.00 9.44 -3.88
CA ILE B 325 -14.94 10.33 -3.30
C ILE B 325 -13.85 10.53 -4.36
N ARG B 326 -13.40 9.47 -5.01
CA ARG B 326 -12.25 9.60 -5.93
C ARG B 326 -12.68 10.44 -7.16
N LYS B 327 -13.95 10.33 -7.55
CA LYS B 327 -14.42 11.09 -8.72
C LYS B 327 -14.37 12.61 -8.39
N LEU B 328 -14.57 12.99 -7.14
CA LEU B 328 -14.51 14.37 -6.68
C LEU B 328 -13.12 14.92 -6.37
N PHE B 329 -12.07 14.12 -6.47
CA PHE B 329 -10.68 14.64 -6.40
C PHE B 329 -10.39 15.69 -7.49
N ALA B 330 -9.78 16.81 -7.08
CA ALA B 330 -9.11 17.83 -7.94
C ALA B 330 -7.82 17.38 -8.66
N GLN B 331 -7.56 16.05 -8.69
CA GLN B 331 -6.29 15.43 -9.21
C GLN B 331 -6.23 15.43 -10.74
#